data_8AV1
#
_entry.id   8AV1
#
_cell.length_a   67.196
_cell.length_b   112.106
_cell.length_c   67.320
_cell.angle_alpha   90.000
_cell.angle_beta   98.170
_cell.angle_gamma   90.000
#
_symmetry.space_group_name_H-M   'P 1 21 1'
#
loop_
_entity.id
_entity.type
_entity.pdbx_description
1 polymer 'Glycogen synthase kinase-3 beta'
2 non-polymer 'SULFATE ION'
3 non-polymer 1,2-ETHANEDIOL
4 non-polymer 2-pyridin-3-yl-8-thiomorpholin-4-yl-[1,3]oxazolo[5,4-f]quinoxaline
5 water water
#
_entity_poly.entity_id   1
_entity_poly.type   'polypeptide(L)'
_entity_poly.pdbx_seq_one_letter_code
;MKVSRDKDGSKVTTVVATPGQGPDRPQEVSYTDTKVIGNGSFGVVYQAKLCDSGELVAIKKVLQDKRFKNRELQIMRKLD
HCNIVRLRYFFYSSGEKKDEVYLNLVLDYVPETVYRVARHYSRAKQTLPVIYVKLYMYQLFRSLAYIHSFGICHRDIKPQ
NLLLDPDTAVLKLCDFGSAKQLVRGEPNVS(PTR)ICSRYYRAPELIFGATDYTSSIDVWSAGCVLAELLLGQPIFPGDS
GVDQLVEIIKVLGTPTREQIREMNPNYTEFKFPQIKAHPWTKVFRPRTPPEAIALCSRLLEYTPTARLTPLEACAHSFFD
ELRDPNVKLPNGRDTPALFNFTTQELSSNPPLATILIPPHARAHHHHHH
;
_entity_poly.pdbx_strand_id   A,B
#
# COMPACT_ATOMS: atom_id res chain seq x y z
N LYS A 2 -24.24 -25.87 6.45
CA LYS A 2 -24.05 -27.24 7.03
C LYS A 2 -22.64 -27.34 7.64
N VAL A 3 -22.53 -27.20 8.96
CA VAL A 3 -21.30 -27.46 9.77
C VAL A 3 -21.55 -28.68 10.66
N SER A 4 -20.72 -29.71 10.52
CA SER A 4 -20.89 -31.06 11.13
C SER A 4 -19.56 -31.55 11.71
N ARG A 5 -19.58 -32.72 12.34
CA ARG A 5 -18.40 -33.41 12.92
C ARG A 5 -18.26 -34.81 12.29
N ASP A 6 -17.03 -35.19 11.91
CA ASP A 6 -16.73 -36.42 11.13
C ASP A 6 -16.51 -37.60 12.09
N LYS A 7 -15.96 -38.71 11.57
CA LYS A 7 -15.60 -39.95 12.32
C LYS A 7 -14.88 -39.59 13.63
N ASP A 8 -13.84 -38.74 13.55
CA ASP A 8 -12.89 -38.45 14.66
C ASP A 8 -13.48 -37.39 15.60
N GLY A 9 -14.00 -36.28 15.03
CA GLY A 9 -14.57 -35.13 15.77
C GLY A 9 -14.15 -33.79 15.18
N SER A 10 -13.80 -33.76 13.89
CA SER A 10 -13.25 -32.58 13.17
C SER A 10 -14.40 -31.69 12.69
N LYS A 11 -14.15 -30.37 12.58
CA LYS A 11 -15.14 -29.38 12.06
C LYS A 11 -15.14 -29.44 10.53
N VAL A 12 -16.13 -30.10 9.96
CA VAL A 12 -16.38 -30.16 8.49
C VAL A 12 -17.43 -29.10 8.14
N THR A 13 -17.13 -28.25 7.17
CA THR A 13 -18.07 -27.29 6.54
C THR A 13 -18.50 -27.85 5.18
N THR A 14 -19.82 -27.94 4.94
CA THR A 14 -20.41 -28.41 3.68
C THR A 14 -21.21 -27.28 3.06
N VAL A 15 -20.92 -26.98 1.81
CA VAL A 15 -21.52 -25.86 1.04
C VAL A 15 -21.95 -26.41 -0.32
N VAL A 16 -22.85 -25.69 -0.98
CA VAL A 16 -23.28 -25.96 -2.37
C VAL A 16 -22.58 -24.95 -3.27
N ALA A 17 -21.75 -25.44 -4.18
CA ALA A 17 -20.77 -24.66 -4.95
C ALA A 17 -20.92 -25.00 -6.44
N THR A 18 -20.78 -24.01 -7.29
CA THR A 18 -20.84 -24.18 -8.75
C THR A 18 -19.42 -24.46 -9.23
N PRO A 19 -19.21 -25.52 -10.04
CA PRO A 19 -17.90 -25.78 -10.59
C PRO A 19 -17.38 -24.53 -11.28
N GLY A 20 -16.07 -24.26 -11.13
CA GLY A 20 -15.40 -23.08 -11.69
C GLY A 20 -15.47 -23.10 -13.20
N GLN A 21 -15.00 -24.19 -13.79
CA GLN A 21 -15.16 -24.52 -15.23
C GLN A 21 -15.95 -25.83 -15.35
N GLY A 22 -16.67 -26.02 -16.44
CA GLY A 22 -17.66 -27.11 -16.61
C GLY A 22 -19.08 -26.60 -16.33
N PRO A 23 -20.10 -27.45 -16.48
CA PRO A 23 -21.49 -27.00 -16.51
C PRO A 23 -21.92 -26.31 -15.22
N ASP A 24 -22.86 -25.37 -15.33
CA ASP A 24 -23.47 -24.63 -14.20
C ASP A 24 -24.34 -25.60 -13.37
N ARG A 25 -23.72 -26.51 -12.62
CA ARG A 25 -24.40 -27.60 -11.88
C ARG A 25 -23.93 -27.60 -10.44
N PRO A 26 -24.60 -26.86 -9.52
CA PRO A 26 -24.14 -26.81 -8.13
C PRO A 26 -24.05 -28.21 -7.52
N GLN A 27 -22.99 -28.47 -6.75
CA GLN A 27 -22.75 -29.75 -6.05
C GLN A 27 -22.25 -29.47 -4.63
N GLU A 28 -22.50 -30.40 -3.73
CA GLU A 28 -22.03 -30.38 -2.33
C GLU A 28 -20.52 -30.49 -2.33
N VAL A 29 -19.86 -29.57 -1.65
CA VAL A 29 -18.39 -29.56 -1.40
C VAL A 29 -18.18 -29.43 0.10
N SER A 30 -17.42 -30.35 0.68
CA SER A 30 -17.05 -30.38 2.11
C SER A 30 -15.57 -30.05 2.24
N TYR A 31 -15.20 -29.28 3.27
CA TYR A 31 -13.79 -28.91 3.58
C TYR A 31 -13.63 -28.70 5.09
N THR A 32 -12.38 -28.78 5.56
CA THR A 32 -12.01 -28.72 6.99
C THR A 32 -10.66 -28.00 7.10
N ASP A 33 -10.13 -27.85 8.31
CA ASP A 33 -8.78 -27.26 8.57
C ASP A 33 -8.74 -25.84 8.01
N THR A 34 -9.73 -25.03 8.37
CA THR A 34 -9.99 -23.67 7.82
C THR A 34 -9.18 -22.66 8.61
N LYS A 35 -8.41 -21.80 7.90
CA LYS A 35 -7.53 -20.79 8.56
C LYS A 35 -7.32 -19.62 7.59
N VAL A 36 -7.14 -18.44 8.16
CA VAL A 36 -6.94 -17.16 7.41
C VAL A 36 -5.49 -17.09 6.98
N ILE A 37 -5.23 -16.92 5.68
CA ILE A 37 -3.87 -16.75 5.09
C ILE A 37 -3.73 -15.35 4.47
N GLY A 38 -4.83 -14.62 4.30
CA GLY A 38 -4.81 -13.27 3.70
C GLY A 38 -6.04 -12.46 4.04
N ASN A 39 -6.00 -11.17 3.73
CA ASN A 39 -7.13 -10.23 3.89
C ASN A 39 -6.81 -8.94 3.13
N GLY A 40 -7.79 -8.04 3.04
CA GLY A 40 -7.78 -6.85 2.17
C GLY A 40 -9.10 -6.14 2.25
N SER A 41 -9.27 -5.08 1.46
CA SER A 41 -10.53 -4.30 1.37
C SER A 41 -11.69 -5.24 1.02
N PHE A 42 -11.45 -6.22 0.13
CA PHE A 42 -12.47 -7.18 -0.38
C PHE A 42 -13.02 -8.03 0.77
N GLY A 43 -12.13 -8.54 1.62
CA GLY A 43 -12.46 -9.44 2.73
C GLY A 43 -11.27 -10.28 3.12
N VAL A 44 -11.47 -11.60 3.19
CA VAL A 44 -10.55 -12.56 3.83
C VAL A 44 -10.19 -13.66 2.82
N VAL A 45 -8.97 -14.20 2.90
CA VAL A 45 -8.56 -15.43 2.19
C VAL A 45 -8.32 -16.52 3.24
N TYR A 46 -8.89 -17.69 3.02
CA TYR A 46 -8.73 -18.88 3.88
C TYR A 46 -7.94 -19.95 3.13
N GLN A 47 -7.10 -20.69 3.84
CA GLN A 47 -6.72 -22.08 3.49
C GLN A 47 -7.78 -23.03 4.01
N ALA A 48 -8.12 -24.06 3.23
CA ALA A 48 -8.89 -25.24 3.67
C ALA A 48 -8.45 -26.49 2.90
N LYS A 49 -8.85 -27.66 3.42
CA LYS A 49 -8.62 -28.98 2.79
C LYS A 49 -9.99 -29.56 2.38
N LEU A 50 -10.15 -29.87 1.08
CA LEU A 50 -11.31 -30.65 0.54
C LEU A 50 -11.30 -32.03 1.20
N CYS A 51 -12.41 -32.41 1.83
CA CYS A 51 -12.58 -33.68 2.60
C CYS A 51 -12.40 -34.90 1.68
N ASP A 52 -13.08 -34.93 0.54
CA ASP A 52 -13.06 -36.09 -0.38
C ASP A 52 -11.60 -36.35 -0.81
N SER A 53 -10.91 -35.37 -1.40
CA SER A 53 -9.65 -35.56 -2.18
C SER A 53 -8.41 -35.25 -1.33
N GLY A 54 -8.58 -34.59 -0.19
CA GLY A 54 -7.48 -34.15 0.69
C GLY A 54 -6.73 -32.91 0.14
N GLU A 55 -7.19 -32.33 -0.96
CA GLU A 55 -6.46 -31.25 -1.69
C GLU A 55 -6.66 -29.90 -0.98
N LEU A 56 -5.60 -29.12 -0.92
CA LEU A 56 -5.57 -27.79 -0.27
C LEU A 56 -6.09 -26.77 -1.25
N VAL A 57 -6.98 -25.90 -0.79
CA VAL A 57 -7.57 -24.81 -1.61
C VAL A 57 -7.40 -23.51 -0.84
N ALA A 58 -7.39 -22.41 -1.57
CA ALA A 58 -7.52 -21.04 -1.04
C ALA A 58 -8.94 -20.57 -1.33
N ILE A 59 -9.64 -20.07 -0.33
CA ILE A 59 -11.02 -19.54 -0.46
C ILE A 59 -10.98 -18.03 -0.23
N LYS A 60 -11.16 -17.25 -1.32
CA LYS A 60 -11.28 -15.78 -1.26
C LYS A 60 -12.75 -15.40 -1.04
N LYS A 61 -13.04 -14.71 0.07
CA LYS A 61 -14.39 -14.34 0.52
C LYS A 61 -14.55 -12.83 0.37
N VAL A 62 -15.46 -12.40 -0.49
CA VAL A 62 -15.68 -10.97 -0.86
C VAL A 62 -17.15 -10.64 -0.62
N LEU A 63 -17.42 -9.51 0.04
CA LEU A 63 -18.76 -8.91 0.19
C LEU A 63 -19.36 -8.72 -1.21
N GLN A 64 -20.62 -9.13 -1.40
CA GLN A 64 -21.33 -9.10 -2.70
C GLN A 64 -22.56 -8.21 -2.60
N ASP A 65 -22.59 -7.12 -3.39
CA ASP A 65 -23.83 -6.34 -3.71
C ASP A 65 -24.75 -7.20 -4.58
N LYS A 66 -25.89 -7.61 -4.01
CA LYS A 66 -26.97 -8.39 -4.70
C LYS A 66 -27.23 -7.83 -6.11
N ARG A 67 -27.28 -6.49 -6.24
CA ARG A 67 -27.69 -5.77 -7.49
C ARG A 67 -26.54 -5.79 -8.51
N PHE A 68 -25.30 -5.67 -8.01
CA PHE A 68 -24.03 -5.68 -8.79
C PHE A 68 -23.66 -7.14 -9.15
N LYS A 69 -23.36 -7.41 -10.43
CA LYS A 69 -22.73 -8.70 -10.87
C LYS A 69 -21.20 -8.58 -10.71
N ASN A 70 -20.54 -9.63 -10.21
CA ASN A 70 -19.13 -9.59 -9.77
C ASN A 70 -18.20 -9.76 -10.99
N ARG A 71 -17.31 -8.79 -11.21
CA ARG A 71 -16.40 -8.70 -12.37
C ARG A 71 -15.35 -9.81 -12.26
N GLU A 72 -14.76 -9.96 -11.09
CA GLU A 72 -13.72 -10.96 -10.77
C GLU A 72 -14.25 -12.37 -11.11
N LEU A 73 -15.43 -12.75 -10.64
CA LEU A 73 -16.02 -14.10 -10.88
C LEU A 73 -16.16 -14.33 -12.38
N GLN A 74 -16.78 -13.37 -13.08
CA GLN A 74 -16.99 -13.38 -14.55
C GLN A 74 -15.66 -13.72 -15.24
N ILE A 75 -14.57 -13.03 -14.88
CA ILE A 75 -13.25 -13.20 -15.54
C ILE A 75 -12.67 -14.59 -15.20
N MET A 76 -12.70 -14.99 -13.92
CA MET A 76 -12.10 -16.27 -13.42
C MET A 76 -12.76 -17.47 -14.12
N ARG A 77 -14.05 -17.36 -14.45
CA ARG A 77 -14.85 -18.45 -15.08
C ARG A 77 -14.40 -18.65 -16.53
N LYS A 78 -13.80 -17.64 -17.17
CA LYS A 78 -13.35 -17.70 -18.59
C LYS A 78 -11.99 -18.39 -18.67
N LEU A 79 -11.16 -18.25 -17.64
CA LEU A 79 -9.69 -18.51 -17.71
C LEU A 79 -9.41 -20.00 -17.44
N ASP A 80 -8.56 -20.58 -18.26
CA ASP A 80 -8.05 -21.96 -18.10
C ASP A 80 -6.64 -22.00 -18.68
N HIS A 81 -5.63 -21.82 -17.84
CA HIS A 81 -4.21 -21.75 -18.24
C HIS A 81 -3.33 -22.24 -17.10
N CYS A 82 -2.23 -22.91 -17.44
CA CYS A 82 -1.31 -23.62 -16.53
C CYS A 82 -0.62 -22.63 -15.59
N ASN A 83 -0.55 -21.33 -15.95
CA ASN A 83 0.10 -20.27 -15.14
C ASN A 83 -0.92 -19.25 -14.61
N ILE A 84 -2.17 -19.64 -14.46
CA ILE A 84 -3.20 -18.86 -13.70
C ILE A 84 -3.84 -19.79 -12.68
N VAL A 85 -3.95 -19.36 -11.43
CA VAL A 85 -4.58 -20.17 -10.34
C VAL A 85 -6.02 -20.52 -10.76
N ARG A 86 -6.38 -21.79 -10.70
CA ARG A 86 -7.67 -22.33 -11.22
C ARG A 86 -8.78 -22.01 -10.21
N LEU A 87 -9.86 -21.40 -10.70
CA LEU A 87 -11.15 -21.39 -9.98
C LEU A 87 -11.73 -22.78 -10.03
N ARG A 88 -11.78 -23.47 -8.87
CA ARG A 88 -12.36 -24.82 -8.75
C ARG A 88 -13.87 -24.72 -8.61
N TYR A 89 -14.35 -23.86 -7.71
CA TYR A 89 -15.77 -23.65 -7.37
C TYR A 89 -15.98 -22.19 -6.94
N PHE A 90 -17.22 -21.71 -6.97
CA PHE A 90 -17.66 -20.53 -6.22
C PHE A 90 -18.92 -20.88 -5.47
N PHE A 91 -19.13 -20.25 -4.34
CA PHE A 91 -20.35 -20.40 -3.52
C PHE A 91 -20.61 -19.11 -2.75
N TYR A 92 -21.81 -18.99 -2.20
CA TYR A 92 -22.25 -17.83 -1.40
C TYR A 92 -22.42 -18.26 0.05
N SER A 93 -22.12 -17.36 0.98
CA SER A 93 -22.21 -17.58 2.44
C SER A 93 -22.78 -16.33 3.11
N SER A 94 -23.21 -16.49 4.35
CA SER A 94 -23.34 -15.43 5.38
C SER A 94 -21.94 -15.05 5.91
N ASP A 99 -26.99 -9.34 7.58
CA ASP A 99 -27.98 -9.58 6.50
C ASP A 99 -27.32 -9.32 5.13
N GLU A 100 -26.04 -9.69 4.97
CA GLU A 100 -25.25 -9.42 3.73
C GLU A 100 -24.65 -10.73 3.21
N VAL A 101 -24.34 -10.78 1.91
CA VAL A 101 -23.99 -12.02 1.17
C VAL A 101 -22.57 -11.91 0.65
N TYR A 102 -21.83 -13.02 0.75
CA TYR A 102 -20.42 -13.11 0.35
C TYR A 102 -20.29 -14.14 -0.77
N LEU A 103 -19.57 -13.75 -1.82
CA LEU A 103 -19.02 -14.64 -2.86
C LEU A 103 -17.74 -15.26 -2.33
N ASN A 104 -17.65 -16.59 -2.40
CA ASN A 104 -16.44 -17.37 -2.04
C ASN A 104 -15.86 -18.01 -3.28
N LEU A 105 -14.65 -17.62 -3.69
CA LEU A 105 -13.91 -18.23 -4.82
C LEU A 105 -12.98 -19.31 -4.28
N VAL A 106 -13.24 -20.57 -4.61
CA VAL A 106 -12.38 -21.72 -4.21
C VAL A 106 -11.35 -21.95 -5.30
N LEU A 107 -10.08 -21.79 -4.94
CA LEU A 107 -8.94 -21.79 -5.87
C LEU A 107 -7.97 -22.87 -5.44
N ASP A 108 -7.17 -23.37 -6.37
CA ASP A 108 -5.99 -24.22 -6.09
C ASP A 108 -5.07 -23.49 -5.12
N TYR A 109 -4.63 -24.16 -4.05
CA TYR A 109 -3.65 -23.64 -3.08
C TYR A 109 -2.24 -23.79 -3.67
N VAL A 110 -1.43 -22.73 -3.58
CA VAL A 110 -0.01 -22.74 -4.03
C VAL A 110 0.84 -22.18 -2.90
N PRO A 111 1.89 -22.91 -2.47
CA PRO A 111 2.42 -22.74 -1.14
C PRO A 111 3.44 -21.61 -0.96
N GLU A 112 3.91 -20.98 -2.06
CA GLU A 112 4.85 -19.83 -1.99
C GLU A 112 4.42 -18.72 -2.96
N THR A 113 5.11 -17.58 -2.88
CA THR A 113 5.06 -16.46 -3.86
C THR A 113 6.47 -16.11 -4.28
N VAL A 114 6.62 -15.59 -5.48
CA VAL A 114 7.90 -15.05 -6.00
C VAL A 114 8.43 -14.04 -4.99
N TYR A 115 7.56 -13.22 -4.43
CA TYR A 115 7.95 -12.13 -3.51
C TYR A 115 8.70 -12.71 -2.33
N ARG A 116 8.13 -13.73 -1.70
CA ARG A 116 8.72 -14.36 -0.48
C ARG A 116 10.05 -15.00 -0.82
N VAL A 117 10.17 -15.62 -1.99
CA VAL A 117 11.41 -16.29 -2.43
C VAL A 117 12.51 -15.22 -2.63
N ALA A 118 12.18 -14.11 -3.24
CA ALA A 118 13.11 -12.97 -3.48
C ALA A 118 13.56 -12.37 -2.14
N ARG A 119 12.62 -12.18 -1.21
CA ARG A 119 12.86 -11.60 0.13
C ARG A 119 13.88 -12.48 0.88
N HIS A 120 13.72 -13.80 0.82
CA HIS A 120 14.68 -14.76 1.43
CA HIS A 120 14.68 -14.76 1.42
C HIS A 120 16.10 -14.42 0.96
N TYR A 121 16.29 -14.16 -0.34
CA TYR A 121 17.61 -13.86 -0.94
C TYR A 121 18.08 -12.47 -0.51
N SER A 122 17.21 -11.46 -0.66
CA SER A 122 17.51 -10.03 -0.37
C SER A 122 17.88 -9.86 1.10
N ARG A 123 17.12 -10.49 2.00
CA ARG A 123 17.31 -10.43 3.47
C ARG A 123 18.69 -10.98 3.83
N ALA A 124 19.28 -11.83 2.97
CA ALA A 124 20.64 -12.41 3.12
C ALA A 124 21.64 -11.67 2.22
N LYS A 125 21.24 -10.52 1.66
CA LYS A 125 22.07 -9.71 0.72
C LYS A 125 22.66 -10.62 -0.38
N GLN A 126 21.85 -11.53 -0.93
CA GLN A 126 22.15 -12.29 -2.17
C GLN A 126 21.10 -11.93 -3.21
N THR A 127 21.35 -12.27 -4.47
CA THR A 127 20.28 -12.28 -5.51
C THR A 127 19.95 -13.71 -5.90
N LEU A 128 18.66 -13.96 -6.05
CA LEU A 128 18.06 -15.06 -6.81
C LEU A 128 18.91 -15.36 -8.02
N PRO A 129 19.41 -16.61 -8.15
CA PRO A 129 20.00 -17.08 -9.38
C PRO A 129 19.11 -16.82 -10.59
N VAL A 130 19.73 -16.49 -11.72
CA VAL A 130 19.07 -15.93 -12.92
C VAL A 130 18.10 -16.96 -13.49
N ILE A 131 18.39 -18.25 -13.33
CA ILE A 131 17.56 -19.35 -13.88
C ILE A 131 16.16 -19.25 -13.27
N TYR A 132 16.04 -19.01 -11.98
CA TYR A 132 14.75 -18.77 -11.28
C TYR A 132 14.09 -17.53 -11.90
N VAL A 133 14.86 -16.47 -12.10
CA VAL A 133 14.34 -15.19 -12.69
C VAL A 133 13.72 -15.51 -14.05
N LYS A 134 14.45 -16.22 -14.90
CA LYS A 134 13.99 -16.65 -16.26
C LYS A 134 12.69 -17.44 -16.11
N LEU A 135 12.65 -18.45 -15.24
CA LEU A 135 11.48 -19.37 -15.08
C LEU A 135 10.25 -18.57 -14.67
N TYR A 136 10.40 -17.71 -13.65
CA TYR A 136 9.29 -16.90 -13.09
C TYR A 136 8.80 -15.91 -14.16
N MET A 137 9.71 -15.17 -14.76
CA MET A 137 9.36 -14.06 -15.68
C MET A 137 8.74 -14.64 -16.95
N TYR A 138 9.17 -15.82 -17.36
CA TYR A 138 8.70 -16.46 -18.61
C TYR A 138 7.23 -16.87 -18.45
N GLN A 139 6.92 -17.49 -17.31
CA GLN A 139 5.58 -18.02 -17.00
C GLN A 139 4.64 -16.84 -16.79
N LEU A 140 5.12 -15.74 -16.22
CA LEU A 140 4.31 -14.53 -16.01
C LEU A 140 3.91 -13.97 -17.37
N PHE A 141 4.86 -13.91 -18.31
CA PHE A 141 4.63 -13.35 -19.66
C PHE A 141 3.64 -14.23 -20.40
N ARG A 142 3.68 -15.52 -20.16
CA ARG A 142 2.75 -16.52 -20.75
C ARG A 142 1.34 -16.27 -20.25
N SER A 143 1.15 -16.11 -18.94
CA SER A 143 -0.16 -15.85 -18.32
C SER A 143 -0.72 -14.55 -18.88
N LEU A 144 0.14 -13.58 -19.14
CA LEU A 144 -0.22 -12.23 -19.64
C LEU A 144 -0.60 -12.31 -21.11
N ALA A 145 0.14 -13.06 -21.93
CA ALA A 145 -0.21 -13.33 -23.34
C ALA A 145 -1.62 -13.91 -23.39
N TYR A 146 -1.90 -14.86 -22.50
CA TYR A 146 -3.18 -15.57 -22.41
C TYR A 146 -4.33 -14.59 -22.12
N ILE A 147 -4.26 -13.85 -21.01
CA ILE A 147 -5.37 -12.98 -20.56
C ILE A 147 -5.51 -11.79 -21.54
N HIS A 148 -4.39 -11.26 -22.06
CA HIS A 148 -4.39 -10.07 -22.98
C HIS A 148 -5.06 -10.46 -24.29
N SER A 149 -4.95 -11.72 -24.71
CA SER A 149 -5.60 -12.28 -25.93
C SER A 149 -7.13 -12.20 -25.81
N PHE A 150 -7.67 -12.09 -24.58
CA PHE A 150 -9.13 -11.94 -24.31
C PHE A 150 -9.49 -10.47 -24.08
N GLY A 151 -8.50 -9.56 -24.22
CA GLY A 151 -8.63 -8.14 -23.88
C GLY A 151 -8.68 -7.92 -22.38
N ILE A 152 -8.33 -8.92 -21.59
CA ILE A 152 -8.37 -8.85 -20.11
C ILE A 152 -7.03 -8.35 -19.60
N CYS A 153 -7.06 -7.31 -18.77
CA CYS A 153 -5.89 -6.67 -18.13
C CYS A 153 -5.97 -6.95 -16.63
N HIS A 154 -4.86 -7.41 -16.03
CA HIS A 154 -4.80 -7.80 -14.60
C HIS A 154 -4.84 -6.56 -13.72
N ARG A 155 -3.94 -5.62 -14.01
CA ARG A 155 -3.89 -4.25 -13.41
C ARG A 155 -3.37 -4.31 -11.96
N ASP A 156 -2.81 -5.43 -11.50
CA ASP A 156 -2.13 -5.50 -10.18
C ASP A 156 -1.00 -6.52 -10.25
N ILE A 157 -0.19 -6.48 -11.30
CA ILE A 157 0.99 -7.36 -11.44
C ILE A 157 2.05 -6.90 -10.47
N LYS A 158 2.44 -7.79 -9.56
CA LYS A 158 3.44 -7.55 -8.50
C LYS A 158 3.88 -8.91 -7.95
N PRO A 159 5.06 -9.00 -7.30
CA PRO A 159 5.64 -10.30 -6.96
C PRO A 159 4.73 -11.15 -6.05
N GLN A 160 3.93 -10.49 -5.22
CA GLN A 160 3.04 -11.13 -4.22
C GLN A 160 1.93 -11.89 -4.94
N ASN A 161 1.60 -11.51 -6.18
CA ASN A 161 0.48 -12.09 -6.98
C ASN A 161 1.05 -13.12 -7.97
N LEU A 162 2.29 -13.52 -7.78
CA LEU A 162 2.94 -14.63 -8.52
C LEU A 162 3.16 -15.77 -7.53
N LEU A 163 2.21 -16.67 -7.43
CA LEU A 163 2.29 -17.90 -6.62
C LEU A 163 3.27 -18.84 -7.30
N LEU A 164 3.99 -19.65 -6.55
CA LEU A 164 4.83 -20.71 -7.13
C LEU A 164 4.90 -21.91 -6.20
N ASP A 165 4.93 -23.08 -6.83
CA ASP A 165 5.35 -24.36 -6.26
C ASP A 165 6.87 -24.40 -6.32
N PRO A 166 7.57 -24.28 -5.16
CA PRO A 166 9.03 -24.24 -5.13
C PRO A 166 9.69 -25.48 -5.72
N ASP A 167 8.97 -26.61 -5.77
CA ASP A 167 9.50 -27.96 -6.13
C ASP A 167 9.51 -28.12 -7.64
N THR A 168 8.45 -27.65 -8.30
CA THR A 168 8.20 -27.83 -9.76
C THR A 168 8.54 -26.55 -10.49
N ALA A 169 8.65 -25.45 -9.75
CA ALA A 169 8.93 -24.07 -10.23
C ALA A 169 7.74 -23.54 -11.02
N VAL A 170 6.55 -24.14 -10.84
CA VAL A 170 5.31 -23.74 -11.57
C VAL A 170 4.78 -22.45 -10.94
N LEU A 171 4.51 -21.46 -11.77
CA LEU A 171 4.04 -20.14 -11.35
C LEU A 171 2.58 -20.01 -11.73
N LYS A 172 1.75 -19.50 -10.82
CA LYS A 172 0.32 -19.18 -11.06
C LYS A 172 0.07 -17.71 -10.71
N LEU A 173 -0.38 -16.94 -11.69
CA LEU A 173 -0.90 -15.56 -11.51
C LEU A 173 -2.16 -15.62 -10.65
N CYS A 174 -2.26 -14.78 -9.64
CA CYS A 174 -3.44 -14.76 -8.73
C CYS A 174 -3.92 -13.33 -8.49
N ASP A 175 -5.02 -13.19 -7.75
CA ASP A 175 -5.69 -11.92 -7.40
C ASP A 175 -6.16 -11.21 -8.68
N PHE A 176 -7.33 -11.56 -9.17
CA PHE A 176 -7.98 -10.88 -10.31
C PHE A 176 -9.00 -9.87 -9.80
N GLY A 177 -8.80 -9.32 -8.59
CA GLY A 177 -9.65 -8.29 -7.96
C GLY A 177 -9.54 -6.90 -8.65
N SER A 178 -8.47 -6.66 -9.39
CA SER A 178 -8.26 -5.39 -10.13
C SER A 178 -8.52 -5.61 -11.63
N ALA A 179 -8.75 -6.84 -12.04
CA ALA A 179 -8.71 -7.24 -13.47
C ALA A 179 -9.91 -6.64 -14.19
N LYS A 180 -9.77 -6.36 -15.47
CA LYS A 180 -10.87 -5.78 -16.27
C LYS A 180 -10.66 -6.12 -17.73
N GLN A 181 -11.74 -6.41 -18.43
CA GLN A 181 -11.80 -6.42 -19.91
C GLN A 181 -11.80 -4.97 -20.40
N LEU A 182 -10.70 -4.54 -21.02
CA LEU A 182 -10.51 -3.17 -21.54
C LEU A 182 -11.26 -3.04 -22.87
N VAL A 183 -12.14 -2.04 -22.97
CA VAL A 183 -12.92 -1.72 -24.21
C VAL A 183 -12.53 -0.32 -24.67
N ARG A 184 -12.04 -0.21 -25.91
CA ARG A 184 -11.69 1.07 -26.57
C ARG A 184 -12.85 2.05 -26.34
N GLY A 185 -12.56 3.23 -25.78
CA GLY A 185 -13.52 4.33 -25.62
C GLY A 185 -14.04 4.45 -24.19
N GLU A 186 -14.08 3.34 -23.45
CA GLU A 186 -14.73 3.26 -22.11
C GLU A 186 -13.69 3.51 -21.02
N PRO A 187 -13.80 4.62 -20.26
CA PRO A 187 -12.76 5.03 -19.33
C PRO A 187 -12.46 3.98 -18.26
N ASN A 188 -11.20 3.91 -17.84
CA ASN A 188 -10.72 3.04 -16.75
C ASN A 188 -10.14 3.94 -15.66
N VAL A 189 -10.22 3.51 -14.40
CA VAL A 189 -9.69 4.25 -13.22
C VAL A 189 -8.16 4.33 -13.34
N SER A 190 -7.59 5.47 -12.97
CA SER A 190 -6.14 5.80 -13.07
C SER A 190 -5.40 5.26 -11.84
N ILE A 192 -4.66 2.64 -9.81
CA ILE A 192 -4.81 1.22 -9.97
C ILE A 192 -3.39 0.65 -10.02
N CYS A 193 -3.22 -0.61 -9.63
CA CYS A 193 -1.90 -1.27 -9.54
CA CYS A 193 -1.91 -1.28 -9.53
C CYS A 193 -1.22 -0.84 -8.24
N SER A 194 -0.54 -1.75 -7.60
CA SER A 194 0.38 -1.47 -6.47
CA SER A 194 0.37 -1.45 -6.47
C SER A 194 1.44 -0.47 -6.94
N ARG A 195 1.70 0.55 -6.12
CA ARG A 195 2.41 1.80 -6.50
C ARG A 195 3.68 1.48 -7.32
N TYR A 196 4.54 0.62 -6.80
CA TYR A 196 5.92 0.38 -7.30
C TYR A 196 5.87 -0.11 -8.73
N TYR A 197 4.76 -0.74 -9.12
CA TYR A 197 4.56 -1.48 -10.38
C TYR A 197 3.67 -0.65 -11.30
N ARG A 198 3.26 0.55 -10.85
CA ARG A 198 2.24 1.40 -11.51
C ARG A 198 2.91 2.10 -12.72
N ALA A 199 2.34 1.88 -13.89
CA ALA A 199 2.84 2.42 -15.18
C ALA A 199 2.72 3.95 -15.18
N PRO A 200 3.66 4.65 -15.81
CA PRO A 200 3.73 6.10 -15.71
C PRO A 200 2.44 6.79 -16.23
N GLU A 201 1.74 6.18 -17.20
CA GLU A 201 0.51 6.77 -17.80
C GLU A 201 -0.58 6.89 -16.72
N LEU A 202 -0.68 5.89 -15.85
CA LEU A 202 -1.65 5.87 -14.71
C LEU A 202 -1.35 7.04 -13.75
N ILE A 203 -0.07 7.32 -13.47
CA ILE A 203 0.36 8.43 -12.57
C ILE A 203 0.02 9.79 -13.23
N PHE A 204 0.05 9.85 -14.57
CA PHE A 204 -0.35 11.04 -15.37
C PHE A 204 -1.87 11.09 -15.49
N GLY A 205 -2.57 10.12 -14.87
CA GLY A 205 -4.04 10.15 -14.68
C GLY A 205 -4.77 9.67 -15.91
N ALA A 206 -4.08 8.97 -16.82
CA ALA A 206 -4.67 8.36 -18.03
C ALA A 206 -5.88 7.48 -17.63
N THR A 207 -6.96 7.56 -18.40
CA THR A 207 -8.18 6.73 -18.21
C THR A 207 -8.44 5.90 -19.49
N ASP A 208 -7.56 6.00 -20.48
CA ASP A 208 -7.68 5.25 -21.77
C ASP A 208 -6.39 4.45 -22.01
N TYR A 209 -5.81 3.89 -20.96
CA TYR A 209 -4.63 2.98 -21.02
C TYR A 209 -5.05 1.63 -21.61
N THR A 210 -4.05 0.81 -21.93
CA THR A 210 -4.21 -0.52 -22.55
C THR A 210 -3.59 -1.59 -21.66
N SER A 211 -3.60 -2.84 -22.13
CA SER A 211 -3.09 -4.02 -21.40
C SER A 211 -1.57 -3.89 -21.19
N SER A 212 -0.92 -2.94 -21.87
CA SER A 212 0.54 -2.69 -21.81
C SER A 212 0.96 -2.16 -20.43
N ILE A 213 0.02 -1.69 -19.60
CA ILE A 213 0.34 -1.28 -18.20
C ILE A 213 0.87 -2.49 -17.43
N ASP A 214 0.43 -3.70 -17.82
CA ASP A 214 0.82 -4.98 -17.21
C ASP A 214 2.29 -5.30 -17.55
N VAL A 215 2.71 -5.00 -18.77
CA VAL A 215 4.11 -5.22 -19.23
C VAL A 215 5.04 -4.30 -18.45
N TRP A 216 4.63 -3.07 -18.20
CA TRP A 216 5.41 -2.14 -17.35
C TRP A 216 5.59 -2.77 -15.98
N SER A 217 4.52 -3.30 -15.41
CA SER A 217 4.51 -3.96 -14.07
C SER A 217 5.48 -5.14 -14.08
N ALA A 218 5.42 -5.97 -15.13
CA ALA A 218 6.28 -7.17 -15.32
C ALA A 218 7.74 -6.73 -15.37
N GLY A 219 8.02 -5.62 -16.07
CA GLY A 219 9.36 -5.00 -16.11
C GLY A 219 9.83 -4.61 -14.70
N CYS A 220 8.96 -4.02 -13.90
CA CYS A 220 9.25 -3.64 -12.51
C CYS A 220 9.57 -4.89 -11.68
N VAL A 221 8.87 -6.01 -11.93
CA VAL A 221 9.11 -7.31 -11.24
C VAL A 221 10.48 -7.86 -11.68
N LEU A 222 10.75 -7.90 -12.99
CA LEU A 222 12.06 -8.37 -13.49
C LEU A 222 13.19 -7.56 -12.82
N ALA A 223 13.12 -6.24 -12.87
CA ALA A 223 14.15 -5.34 -12.33
C ALA A 223 14.36 -5.68 -10.86
N GLU A 224 13.28 -5.84 -10.10
CA GLU A 224 13.32 -6.10 -8.64
C GLU A 224 14.06 -7.42 -8.37
N LEU A 225 13.84 -8.43 -9.23
CA LEU A 225 14.45 -9.77 -9.08
C LEU A 225 15.94 -9.70 -9.33
N LEU A 226 16.36 -8.82 -10.26
CA LEU A 226 17.80 -8.60 -10.61
C LEU A 226 18.48 -7.77 -9.51
N LEU A 227 17.77 -6.79 -8.93
CA LEU A 227 18.33 -5.78 -7.99
C LEU A 227 18.31 -6.31 -6.54
N GLY A 228 17.30 -7.10 -6.18
CA GLY A 228 17.07 -7.53 -4.79
C GLY A 228 16.21 -6.53 -4.03
N GLN A 229 15.70 -5.50 -4.72
CA GLN A 229 14.75 -4.50 -4.14
C GLN A 229 14.01 -3.80 -5.28
N PRO A 230 12.85 -3.18 -5.00
CA PRO A 230 12.09 -2.47 -6.03
C PRO A 230 12.95 -1.40 -6.70
N ILE A 231 12.85 -1.28 -8.02
CA ILE A 231 13.64 -0.31 -8.83
C ILE A 231 13.08 1.11 -8.63
N PHE A 232 11.76 1.27 -8.42
CA PHE A 232 11.07 2.58 -8.28
C PHE A 232 10.29 2.64 -6.96
N PRO A 233 10.96 2.87 -5.82
CA PRO A 233 10.28 2.91 -4.53
C PRO A 233 9.71 4.30 -4.18
N GLY A 234 8.55 4.64 -4.76
CA GLY A 234 7.83 5.91 -4.47
C GLY A 234 7.23 5.89 -3.06
N ASP A 235 7.26 7.03 -2.35
CA ASP A 235 6.59 7.21 -1.03
C ASP A 235 5.10 7.56 -1.25
N SER A 236 4.72 7.84 -2.49
CA SER A 236 3.35 8.29 -2.87
C SER A 236 3.14 8.10 -4.37
N GLY A 237 1.90 8.29 -4.82
CA GLY A 237 1.49 8.17 -6.23
C GLY A 237 2.37 8.96 -7.17
N VAL A 238 2.71 10.21 -6.81
CA VAL A 238 3.41 11.14 -7.74
C VAL A 238 4.93 11.07 -7.48
N ASP A 239 5.35 10.74 -6.27
CA ASP A 239 6.79 10.50 -5.94
C ASP A 239 7.25 9.24 -6.68
N GLN A 240 6.34 8.31 -6.94
CA GLN A 240 6.54 7.15 -7.85
C GLN A 240 7.11 7.65 -9.19
N LEU A 241 6.65 8.80 -9.70
CA LEU A 241 7.04 9.32 -11.03
C LEU A 241 8.46 9.90 -10.95
N VAL A 242 8.75 10.62 -9.86
CA VAL A 242 10.11 11.12 -9.54
C VAL A 242 11.06 9.91 -9.62
N GLU A 243 10.79 8.85 -8.86
CA GLU A 243 11.66 7.66 -8.76
C GLU A 243 11.91 7.10 -10.16
N ILE A 244 10.87 6.96 -10.98
CA ILE A 244 10.97 6.47 -12.39
C ILE A 244 11.93 7.38 -13.17
N ILE A 245 11.71 8.69 -13.08
CA ILE A 245 12.47 9.72 -13.85
C ILE A 245 13.95 9.66 -13.43
N LYS A 246 14.22 9.40 -12.14
CA LYS A 246 15.59 9.31 -11.58
C LYS A 246 16.37 8.22 -12.32
N VAL A 247 15.69 7.30 -13.02
CA VAL A 247 16.35 6.19 -13.76
C VAL A 247 16.20 6.41 -15.28
N LEU A 248 14.97 6.60 -15.75
CA LEU A 248 14.65 6.69 -17.21
C LEU A 248 14.97 8.10 -17.72
N GLY A 249 15.15 9.05 -16.80
CA GLY A 249 15.23 10.49 -17.11
C GLY A 249 13.84 11.06 -17.33
N THR A 250 13.75 12.37 -17.54
CA THR A 250 12.51 13.10 -17.89
C THR A 250 12.02 12.58 -19.24
N PRO A 251 10.72 12.24 -19.37
CA PRO A 251 10.15 11.86 -20.66
C PRO A 251 10.03 13.05 -21.59
N THR A 252 10.11 12.82 -22.89
CA THR A 252 9.89 13.84 -23.95
C THR A 252 8.40 14.19 -23.98
N ARG A 253 8.06 15.32 -24.59
CA ARG A 253 6.65 15.79 -24.74
C ARG A 253 5.88 14.76 -25.58
N GLU A 254 6.54 14.18 -26.58
CA GLU A 254 6.01 13.06 -27.41
C GLU A 254 5.61 11.87 -26.51
N GLN A 255 6.50 11.45 -25.61
CA GLN A 255 6.27 10.30 -24.68
C GLN A 255 5.10 10.62 -23.73
N ILE A 256 5.09 11.85 -23.19
CA ILE A 256 4.03 12.34 -22.26
C ILE A 256 2.66 12.27 -22.97
N ARG A 257 2.62 12.70 -24.23
CA ARG A 257 1.38 12.70 -25.06
C ARG A 257 0.95 11.27 -25.33
N GLU A 258 1.92 10.36 -25.55
CA GLU A 258 1.69 8.91 -25.78
C GLU A 258 1.06 8.29 -24.52
N MET A 259 1.34 8.87 -23.35
CA MET A 259 0.96 8.30 -22.03
C MET A 259 -0.43 8.83 -21.62
N ASN A 260 -0.63 10.14 -21.72
CA ASN A 260 -1.95 10.80 -21.52
C ASN A 260 -2.01 12.06 -22.37
N PRO A 261 -2.85 12.07 -23.44
CA PRO A 261 -2.96 13.25 -24.30
C PRO A 261 -3.73 14.40 -23.64
N ASN A 262 -4.45 14.10 -22.54
CA ASN A 262 -5.13 15.10 -21.67
C ASN A 262 -4.58 14.99 -20.25
N TYR A 263 -3.39 15.55 -20.02
CA TYR A 263 -2.65 15.55 -18.72
C TYR A 263 -2.54 16.99 -18.21
N THR A 264 -2.23 17.15 -16.91
CA THR A 264 -2.08 18.47 -16.24
C THR A 264 -0.62 18.66 -15.77
N GLU A 265 -0.33 19.82 -15.17
CA GLU A 265 1.05 20.27 -14.80
C GLU A 265 1.53 19.46 -13.58
N PHE A 266 2.61 18.69 -13.74
CA PHE A 266 3.44 18.13 -12.64
C PHE A 266 4.63 19.07 -12.36
N LYS A 267 5.01 19.88 -13.37
CA LYS A 267 6.08 20.92 -13.31
C LYS A 267 7.29 20.40 -12.51
N PHE A 268 7.80 19.22 -12.85
CA PHE A 268 8.99 18.59 -12.22
C PHE A 268 10.26 19.03 -12.95
N PRO A 269 11.45 18.95 -12.29
CA PRO A 269 12.70 19.35 -12.91
C PRO A 269 13.16 18.41 -14.04
N GLN A 270 13.90 18.96 -15.01
CA GLN A 270 14.64 18.21 -16.06
C GLN A 270 15.73 17.35 -15.40
N ILE A 271 15.64 16.03 -15.54
CA ILE A 271 16.68 15.05 -15.10
C ILE A 271 17.10 14.22 -16.30
N LYS A 272 18.40 14.05 -16.52
CA LYS A 272 18.96 13.22 -17.62
C LYS A 272 18.85 11.74 -17.25
N ALA A 273 18.67 10.87 -18.24
CA ALA A 273 18.56 9.40 -18.07
C ALA A 273 19.85 8.88 -17.42
N HIS A 274 19.71 7.86 -16.57
CA HIS A 274 20.82 7.08 -15.95
C HIS A 274 21.14 5.91 -16.87
N PRO A 275 22.42 5.57 -17.12
CA PRO A 275 22.75 4.42 -17.97
C PRO A 275 22.21 3.11 -17.37
N TRP A 276 21.50 2.33 -18.20
CA TRP A 276 20.73 1.13 -17.77
C TRP A 276 21.66 0.19 -16.98
N THR A 277 22.86 -0.06 -17.50
CA THR A 277 23.81 -1.07 -16.99
C THR A 277 24.27 -0.71 -15.57
N LYS A 278 24.28 0.59 -15.22
CA LYS A 278 24.78 1.10 -13.90
C LYS A 278 23.65 1.10 -12.86
N VAL A 279 22.44 0.79 -13.25
CA VAL A 279 21.26 0.58 -12.33
C VAL A 279 21.44 -0.77 -11.63
N PHE A 280 21.96 -1.75 -12.34
CA PHE A 280 22.04 -3.18 -11.92
C PHE A 280 23.45 -3.49 -11.44
N ARG A 281 23.63 -4.58 -10.69
CA ARG A 281 24.93 -4.98 -10.12
C ARG A 281 25.84 -5.44 -11.28
N PRO A 282 27.17 -5.44 -11.08
CA PRO A 282 28.11 -5.55 -12.21
C PRO A 282 27.98 -6.82 -13.08
N ARG A 283 27.61 -7.95 -12.48
CA ARG A 283 27.59 -9.27 -13.16
C ARG A 283 26.18 -9.57 -13.73
N THR A 284 25.24 -8.63 -13.62
CA THR A 284 23.87 -8.75 -14.21
C THR A 284 23.99 -9.12 -15.69
N PRO A 285 23.33 -10.19 -16.16
CA PRO A 285 23.44 -10.59 -17.57
C PRO A 285 22.87 -9.51 -18.50
N PRO A 286 23.56 -9.21 -19.61
CA PRO A 286 23.15 -8.12 -20.50
C PRO A 286 21.78 -8.36 -21.14
N GLU A 287 21.45 -9.62 -21.46
CA GLU A 287 20.15 -9.99 -22.06
C GLU A 287 19.03 -9.64 -21.07
N ALA A 288 19.30 -9.71 -19.75
CA ALA A 288 18.32 -9.38 -18.67
C ALA A 288 18.08 -7.87 -18.67
N ILE A 289 19.15 -7.09 -18.69
CA ILE A 289 19.11 -5.59 -18.70
C ILE A 289 18.42 -5.14 -20.00
N ALA A 290 18.76 -5.75 -21.13
CA ALA A 290 18.20 -5.43 -22.46
C ALA A 290 16.69 -5.68 -22.46
N LEU A 291 16.22 -6.81 -21.92
CA LEU A 291 14.76 -7.13 -21.81
C LEU A 291 14.09 -6.06 -20.94
N CYS A 292 14.72 -5.68 -19.84
CA CYS A 292 14.21 -4.66 -18.90
C CYS A 292 13.99 -3.33 -19.65
N SER A 293 14.95 -2.89 -20.46
CA SER A 293 14.89 -1.63 -21.25
C SER A 293 13.69 -1.67 -22.22
N ARG A 294 13.34 -2.85 -22.75
CA ARG A 294 12.28 -3.01 -23.78
C ARG A 294 10.91 -3.14 -23.10
N LEU A 295 10.88 -3.34 -21.79
CA LEU A 295 9.63 -3.42 -20.99
C LEU A 295 9.32 -2.04 -20.39
N LEU A 296 10.34 -1.37 -19.82
CA LEU A 296 10.16 -0.11 -19.06
C LEU A 296 10.44 1.07 -20.02
N GLU A 297 9.63 1.14 -21.06
CA GLU A 297 9.54 2.25 -22.03
C GLU A 297 8.39 3.17 -21.60
N TYR A 298 8.57 4.49 -21.64
CA TYR A 298 7.50 5.47 -21.30
C TYR A 298 6.33 5.30 -22.28
N THR A 299 6.60 5.36 -23.59
CA THR A 299 5.60 5.21 -24.68
C THR A 299 4.99 3.82 -24.61
N PRO A 300 3.72 3.69 -24.15
CA PRO A 300 3.13 2.37 -23.90
C PRO A 300 3.23 1.40 -25.08
N THR A 301 3.07 1.90 -26.30
CA THR A 301 3.02 1.08 -27.55
C THR A 301 4.42 0.55 -27.88
N ALA A 302 5.47 1.13 -27.28
CA ALA A 302 6.89 0.78 -27.53
C ALA A 302 7.30 -0.42 -26.66
N ARG A 303 6.51 -0.71 -25.64
CA ARG A 303 6.73 -1.87 -24.72
C ARG A 303 6.51 -3.17 -25.50
N LEU A 304 7.43 -4.12 -25.41
CA LEU A 304 7.24 -5.51 -25.89
C LEU A 304 5.85 -6.00 -25.47
N THR A 305 5.22 -6.84 -26.29
CA THR A 305 4.02 -7.65 -25.88
C THR A 305 4.49 -8.84 -25.05
N PRO A 306 3.61 -9.42 -24.21
CA PRO A 306 4.00 -10.59 -23.43
C PRO A 306 4.58 -11.73 -24.29
N LEU A 307 3.98 -11.99 -25.44
CA LEU A 307 4.43 -13.07 -26.35
C LEU A 307 5.83 -12.73 -26.89
N GLU A 308 6.05 -11.48 -27.29
CA GLU A 308 7.37 -10.98 -27.74
C GLU A 308 8.38 -11.17 -26.61
N ALA A 309 7.99 -10.86 -25.37
CA ALA A 309 8.88 -10.95 -24.19
C ALA A 309 9.28 -12.41 -23.96
N CYS A 310 8.38 -13.36 -24.21
CA CYS A 310 8.63 -14.82 -24.15
C CYS A 310 9.70 -15.23 -25.14
N ALA A 311 9.78 -14.52 -26.27
CA ALA A 311 10.69 -14.85 -27.39
C ALA A 311 12.05 -14.15 -27.21
N HIS A 312 12.22 -13.32 -26.18
CA HIS A 312 13.48 -12.57 -25.92
C HIS A 312 14.61 -13.55 -25.58
N SER A 313 15.84 -13.20 -25.90
CA SER A 313 17.05 -14.06 -25.79
C SER A 313 17.36 -14.38 -24.32
N PHE A 314 16.84 -13.56 -23.39
CA PHE A 314 17.00 -13.77 -21.91
C PHE A 314 16.43 -15.15 -21.53
N PHE A 315 15.45 -15.64 -22.29
CA PHE A 315 14.75 -16.92 -22.03
C PHE A 315 15.35 -18.04 -22.90
N ASP A 316 16.37 -17.74 -23.70
CA ASP A 316 16.99 -18.73 -24.63
C ASP A 316 17.34 -19.99 -23.85
N GLU A 317 17.88 -19.84 -22.64
CA GLU A 317 18.37 -20.94 -21.79
C GLU A 317 17.23 -21.94 -21.51
N LEU A 318 15.99 -21.45 -21.40
CA LEU A 318 14.80 -22.28 -21.07
C LEU A 318 14.46 -23.20 -22.25
N ARG A 319 14.90 -22.84 -23.46
CA ARG A 319 14.59 -23.59 -24.72
C ARG A 319 15.73 -24.56 -25.05
N ASP A 320 16.73 -24.64 -24.18
CA ASP A 320 17.83 -25.63 -24.27
C ASP A 320 17.26 -27.02 -23.95
N PRO A 321 17.38 -27.98 -24.89
CA PRO A 321 16.96 -29.36 -24.65
C PRO A 321 17.52 -29.97 -23.34
N ASN A 322 18.66 -29.45 -22.88
CA ASN A 322 19.45 -30.02 -21.76
C ASN A 322 19.00 -29.43 -20.42
N VAL A 323 18.26 -28.31 -20.45
CA VAL A 323 17.97 -27.49 -19.24
C VAL A 323 17.19 -28.35 -18.24
N LYS A 324 17.47 -28.18 -16.95
CA LYS A 324 16.73 -28.80 -15.82
C LYS A 324 16.60 -27.78 -14.70
N LEU A 325 15.65 -27.98 -13.79
CA LEU A 325 15.58 -27.24 -12.51
C LEU A 325 16.85 -27.51 -11.70
N PRO A 326 17.28 -26.57 -10.86
CA PRO A 326 18.44 -26.79 -9.99
C PRO A 326 18.32 -28.00 -9.06
N ASN A 327 17.10 -28.37 -8.67
CA ASN A 327 16.86 -29.56 -7.77
C ASN A 327 16.94 -30.85 -8.59
N GLY A 328 17.19 -30.77 -9.90
CA GLY A 328 17.44 -31.92 -10.78
C GLY A 328 16.22 -32.30 -11.61
N ARG A 329 15.01 -31.92 -11.16
CA ARG A 329 13.72 -32.30 -11.81
C ARG A 329 13.61 -31.59 -13.16
N ASP A 330 12.76 -32.10 -14.05
CA ASP A 330 12.49 -31.49 -15.39
C ASP A 330 11.90 -30.10 -15.18
N THR A 331 12.09 -29.21 -16.16
CA THR A 331 11.39 -27.92 -16.25
C THR A 331 9.91 -28.19 -16.48
N PRO A 332 9.00 -27.37 -15.90
CA PRO A 332 7.58 -27.56 -16.15
C PRO A 332 7.22 -27.27 -17.62
N ALA A 333 5.96 -27.46 -17.98
CA ALA A 333 5.41 -27.18 -19.32
C ALA A 333 5.63 -25.71 -19.64
N LEU A 334 6.39 -25.43 -20.69
CA LEU A 334 6.82 -24.06 -21.07
C LEU A 334 6.42 -23.76 -22.52
N PHE A 335 6.19 -24.81 -23.32
CA PHE A 335 6.17 -24.77 -24.81
C PHE A 335 4.85 -25.31 -25.38
N ASN A 336 3.87 -25.62 -24.53
CA ASN A 336 2.57 -26.21 -24.98
C ASN A 336 1.60 -25.07 -25.25
N PHE A 337 2.02 -24.09 -26.04
CA PHE A 337 1.20 -22.92 -26.46
C PHE A 337 -0.04 -23.40 -27.23
N THR A 338 -1.22 -22.91 -26.84
CA THR A 338 -2.48 -23.03 -27.63
C THR A 338 -2.45 -22.01 -28.77
N THR A 339 -3.45 -22.08 -29.65
CA THR A 339 -3.71 -21.10 -30.74
C THR A 339 -4.00 -19.73 -30.13
N GLN A 340 -4.91 -19.68 -29.16
CA GLN A 340 -5.33 -18.44 -28.46
C GLN A 340 -4.07 -17.69 -27.97
N GLU A 341 -3.11 -18.40 -27.35
CA GLU A 341 -1.88 -17.81 -26.76
C GLU A 341 -1.07 -17.10 -27.85
N LEU A 342 -1.01 -17.70 -29.05
CA LEU A 342 -0.14 -17.26 -30.18
C LEU A 342 -0.86 -16.21 -31.03
N SER A 343 -2.10 -15.86 -30.70
CA SER A 343 -3.03 -15.09 -31.57
C SER A 343 -2.46 -13.69 -31.85
N SER A 344 -1.65 -13.13 -30.93
CA SER A 344 -1.09 -11.75 -31.06
C SER A 344 -0.02 -11.71 -32.16
N ASN A 345 0.64 -12.85 -32.43
CA ASN A 345 1.75 -12.97 -33.42
C ASN A 345 2.08 -14.44 -33.67
N PRO A 346 1.25 -15.19 -34.45
CA PRO A 346 1.44 -16.62 -34.65
C PRO A 346 2.85 -17.07 -35.07
N PRO A 347 3.54 -16.35 -35.99
CA PRO A 347 4.86 -16.78 -36.47
C PRO A 347 5.94 -16.92 -35.37
N LEU A 348 5.75 -16.26 -34.21
CA LEU A 348 6.71 -16.31 -33.07
C LEU A 348 6.86 -17.76 -32.58
N ALA A 349 5.90 -18.63 -32.91
CA ALA A 349 5.90 -20.08 -32.59
C ALA A 349 7.24 -20.72 -32.95
N THR A 350 7.81 -20.40 -34.11
CA THR A 350 9.06 -21.02 -34.62
C THR A 350 10.19 -20.82 -33.60
N ILE A 351 10.16 -19.72 -32.84
CA ILE A 351 11.13 -19.41 -31.75
C ILE A 351 10.63 -20.03 -30.44
N LEU A 352 9.35 -19.87 -30.15
CA LEU A 352 8.75 -20.14 -28.81
C LEU A 352 8.65 -21.65 -28.58
N ILE A 353 8.60 -22.46 -29.65
CA ILE A 353 8.42 -23.93 -29.56
C ILE A 353 9.61 -24.61 -30.22
N PRO A 354 10.67 -24.96 -29.46
CA PRO A 354 11.84 -25.60 -30.05
C PRO A 354 11.47 -26.99 -30.56
N PRO A 355 12.24 -27.56 -31.51
CA PRO A 355 11.87 -28.83 -32.11
C PRO A 355 11.58 -29.93 -31.06
N HIS A 356 12.47 -30.09 -30.08
CA HIS A 356 12.36 -31.09 -28.97
C HIS A 356 11.07 -30.88 -28.15
N LYS B 2 -13.81 31.19 -12.56
CA LYS B 2 -13.12 32.46 -12.90
C LYS B 2 -11.61 32.22 -13.04
N VAL B 3 -11.13 32.04 -14.28
CA VAL B 3 -9.69 31.89 -14.64
C VAL B 3 -9.30 33.09 -15.51
N SER B 4 -8.26 33.83 -15.10
CA SER B 4 -7.76 35.07 -15.77
C SER B 4 -6.22 35.03 -15.85
N ARG B 5 -5.63 36.07 -16.48
CA ARG B 5 -4.17 36.33 -16.49
C ARG B 5 -3.89 37.70 -15.86
N ASP B 6 -2.91 37.79 -14.96
CA ASP B 6 -2.54 39.03 -14.23
C ASP B 6 -1.48 39.81 -15.04
N LYS B 7 -0.77 40.73 -14.39
CA LYS B 7 0.09 41.78 -15.02
C LYS B 7 1.01 41.16 -16.07
N ASP B 8 1.76 40.12 -15.70
CA ASP B 8 2.88 39.56 -16.52
C ASP B 8 2.33 38.53 -17.53
N GLY B 9 1.44 37.63 -17.08
CA GLY B 9 0.82 36.58 -17.91
C GLY B 9 0.60 35.29 -17.13
N SER B 10 0.50 35.36 -15.80
CA SER B 10 0.35 34.19 -14.88
C SER B 10 -1.12 33.78 -14.81
N LYS B 11 -1.39 32.48 -14.72
CA LYS B 11 -2.76 31.91 -14.67
C LYS B 11 -3.30 32.02 -13.23
N VAL B 12 -4.21 32.98 -12.99
CA VAL B 12 -4.94 33.15 -11.70
C VAL B 12 -6.29 32.43 -11.78
N THR B 13 -6.55 31.54 -10.82
CA THR B 13 -7.85 30.86 -10.57
C THR B 13 -8.54 31.54 -9.39
N THR B 14 -9.79 31.97 -9.59
CA THR B 14 -10.62 32.59 -8.52
C THR B 14 -11.80 31.67 -8.26
N VAL B 15 -12.02 31.33 -7.00
CA VAL B 15 -13.12 30.44 -6.56
C VAL B 15 -13.86 31.13 -5.41
N VAL B 16 -15.07 30.65 -5.12
CA VAL B 16 -15.88 31.06 -3.95
C VAL B 16 -15.78 29.96 -2.91
N ALA B 17 -15.17 30.25 -1.76
CA ALA B 17 -14.75 29.25 -0.76
C ALA B 17 -15.28 29.67 0.60
N THR B 18 -15.69 28.70 1.40
CA THR B 18 -16.14 28.91 2.79
C THR B 18 -14.91 28.86 3.69
N PRO B 19 -14.74 29.84 4.58
CA PRO B 19 -13.66 29.79 5.57
C PRO B 19 -13.67 28.44 6.29
N GLY B 20 -12.50 27.87 6.54
CA GLY B 20 -12.33 26.55 7.13
C GLY B 20 -12.94 26.47 8.50
N GLN B 21 -12.54 27.37 9.38
CA GLN B 21 -13.15 27.61 10.71
C GLN B 21 -13.57 29.08 10.79
N GLY B 22 -14.53 29.40 11.65
CA GLY B 22 -15.16 30.73 11.76
C GLY B 22 -16.42 30.81 10.89
N PRO B 23 -16.97 32.02 10.65
CA PRO B 23 -18.35 32.15 10.18
C PRO B 23 -18.55 31.55 8.78
N ASP B 24 -19.70 30.90 8.57
CA ASP B 24 -20.08 30.26 7.29
C ASP B 24 -20.42 31.34 6.26
N ARG B 25 -19.41 32.03 5.75
CA ARG B 25 -19.55 33.24 4.89
C ARG B 25 -18.67 33.07 3.65
N PRO B 26 -19.19 32.50 2.54
CA PRO B 26 -18.35 32.26 1.36
C PRO B 26 -17.72 33.59 0.87
N GLN B 27 -16.45 33.54 0.49
CA GLN B 27 -15.68 34.69 -0.03
C GLN B 27 -14.89 34.27 -1.25
N GLU B 28 -14.59 35.21 -2.14
CA GLU B 28 -13.70 35.00 -3.31
C GLU B 28 -12.29 34.75 -2.80
N VAL B 29 -11.66 33.66 -3.25
CA VAL B 29 -10.24 33.34 -3.00
C VAL B 29 -9.55 33.11 -4.35
N SER B 30 -8.45 33.82 -4.60
CA SER B 30 -7.62 33.69 -5.82
C SER B 30 -6.30 32.98 -5.50
N TYR B 31 -5.83 32.14 -6.41
CA TYR B 31 -4.52 31.43 -6.29
C TYR B 31 -3.93 31.17 -7.68
N THR B 32 -2.62 30.96 -7.72
CA THR B 32 -1.84 30.75 -8.97
C THR B 32 -0.77 29.69 -8.68
N ASP B 33 0.14 29.44 -9.63
CA ASP B 33 1.32 28.54 -9.44
C ASP B 33 0.83 27.15 -9.03
N THR B 34 -0.13 26.61 -9.78
CA THR B 34 -0.85 25.35 -9.46
C THR B 34 -0.06 24.16 -9.99
N LYS B 35 0.19 23.15 -9.13
CA LYS B 35 0.89 21.91 -9.53
C LYS B 35 0.48 20.75 -8.61
N VAL B 36 0.49 19.54 -9.16
CA VAL B 36 0.11 18.29 -8.47
C VAL B 36 1.29 17.85 -7.62
N ILE B 37 1.07 17.63 -6.32
CA ILE B 37 2.12 17.15 -5.36
C ILE B 37 1.70 15.80 -4.76
N GLY B 38 0.47 15.34 -5.02
CA GLY B 38 -0.07 14.09 -4.44
C GLY B 38 -1.27 13.56 -5.22
N ASN B 39 -1.64 12.30 -4.99
CA ASN B 39 -2.87 11.66 -5.53
C ASN B 39 -3.16 10.37 -4.76
N GLY B 40 -4.31 9.73 -5.04
CA GLY B 40 -4.86 8.60 -4.29
C GLY B 40 -6.24 8.23 -4.80
N SER B 41 -6.92 7.30 -4.14
CA SER B 41 -8.29 6.86 -4.49
C SER B 41 -9.22 8.07 -4.56
N PHE B 42 -9.10 9.00 -3.59
CA PHE B 42 -9.94 10.23 -3.44
C PHE B 42 -9.81 11.13 -4.68
N GLY B 43 -8.58 11.35 -5.14
CA GLY B 43 -8.28 12.25 -6.27
C GLY B 43 -6.86 12.76 -6.19
N VAL B 44 -6.68 14.09 -6.23
CA VAL B 44 -5.37 14.76 -6.46
C VAL B 44 -5.12 15.77 -5.32
N VAL B 45 -3.87 16.01 -4.97
CA VAL B 45 -3.42 17.14 -4.10
C VAL B 45 -2.59 18.10 -4.95
N TYR B 46 -2.89 19.38 -4.88
CA TYR B 46 -2.20 20.47 -5.59
C TYR B 46 -1.45 21.35 -4.58
N GLN B 47 -0.28 21.83 -4.97
CA GLN B 47 0.33 23.07 -4.42
C GLN B 47 -0.25 24.25 -5.19
N ALA B 48 -0.55 25.34 -4.47
CA ALA B 48 -0.89 26.65 -5.08
C ALA B 48 -0.42 27.78 -4.13
N LYS B 49 -0.40 29.00 -4.65
CA LYS B 49 -0.04 30.24 -3.92
C LYS B 49 -1.27 31.15 -3.90
N LEU B 50 -1.72 31.53 -2.70
CA LEU B 50 -2.76 32.57 -2.51
C LEU B 50 -2.22 33.90 -3.03
N CYS B 51 -2.98 34.54 -3.92
CA CYS B 51 -2.62 35.82 -4.59
C CYS B 51 -2.46 36.95 -3.55
N ASP B 52 -3.41 37.10 -2.64
CA ASP B 52 -3.41 38.18 -1.61
C ASP B 52 -2.10 38.12 -0.82
N SER B 53 -1.85 36.99 -0.15
CA SER B 53 -0.89 36.88 0.97
C SER B 53 0.44 36.28 0.49
N GLY B 54 0.47 35.70 -0.70
CA GLY B 54 1.66 35.00 -1.25
C GLY B 54 1.91 33.63 -0.61
N GLU B 55 1.01 33.18 0.28
CA GLU B 55 1.22 31.95 1.11
C GLU B 55 0.92 30.72 0.26
N LEU B 56 1.70 29.67 0.47
CA LEU B 56 1.54 28.38 -0.21
C LEU B 56 0.46 27.58 0.52
N VAL B 57 -0.42 26.95 -0.23
CA VAL B 57 -1.48 26.07 0.30
C VAL B 57 -1.38 24.73 -0.42
N ALA B 58 -1.87 23.70 0.22
CA ALA B 58 -2.16 22.39 -0.39
C ALA B 58 -3.66 22.32 -0.59
N ILE B 59 -4.11 22.00 -1.80
CA ILE B 59 -5.54 21.78 -2.12
C ILE B 59 -5.75 20.28 -2.41
N LYS B 60 -6.46 19.59 -1.50
CA LYS B 60 -6.93 18.20 -1.71
C LYS B 60 -8.29 18.22 -2.44
N LYS B 61 -8.35 17.61 -3.62
CA LYS B 61 -9.55 17.57 -4.49
C LYS B 61 -10.10 16.14 -4.50
N VAL B 62 -11.30 15.96 -3.98
CA VAL B 62 -11.95 14.65 -3.78
C VAL B 62 -13.30 14.66 -4.48
N LEU B 63 -13.58 13.62 -5.27
CA LEU B 63 -14.91 13.32 -5.83
C LEU B 63 -15.95 13.30 -4.70
N GLN B 64 -17.08 13.98 -4.92
CA GLN B 64 -18.14 14.16 -3.91
C GLN B 64 -19.45 13.59 -4.47
N ASP B 65 -20.03 12.59 -3.79
CA ASP B 65 -21.46 12.18 -3.96
C ASP B 65 -22.36 13.31 -3.43
N LYS B 66 -23.02 14.04 -4.31
CA LYS B 66 -23.89 15.20 -3.99
C LYS B 66 -24.78 14.89 -2.77
N ARG B 67 -25.39 13.70 -2.72
CA ARG B 67 -26.41 13.31 -1.70
C ARG B 67 -25.72 12.90 -0.40
N PHE B 68 -24.55 12.27 -0.50
CA PHE B 68 -23.69 11.79 0.63
C PHE B 68 -22.91 13.00 1.22
N LYS B 69 -22.90 13.14 2.55
CA LYS B 69 -22.10 14.16 3.28
C LYS B 69 -20.65 13.67 3.46
N ASN B 70 -19.67 14.57 3.30
CA ASN B 70 -18.22 14.23 3.36
C ASN B 70 -17.76 14.24 4.83
N ARG B 71 -17.27 13.10 5.29
CA ARG B 71 -16.86 12.84 6.69
C ARG B 71 -15.60 13.64 7.00
N GLU B 72 -14.63 13.63 6.08
CA GLU B 72 -13.35 14.36 6.19
C GLU B 72 -13.62 15.86 6.43
N LEU B 73 -14.47 16.49 5.62
CA LEU B 73 -14.78 17.95 5.73
C LEU B 73 -15.34 18.23 7.13
N GLN B 74 -16.36 17.47 7.52
CA GLN B 74 -17.01 17.54 8.86
C GLN B 74 -15.94 17.55 9.95
N ILE B 75 -14.97 16.62 9.90
CA ILE B 75 -13.93 16.50 10.97
C ILE B 75 -12.99 17.71 10.91
N MET B 76 -12.53 18.11 9.72
CA MET B 76 -11.52 19.21 9.54
C MET B 76 -12.11 20.55 10.02
N ARG B 77 -13.42 20.71 9.93
CA ARG B 77 -14.11 21.98 10.35
C ARG B 77 -14.09 22.10 11.88
N LYS B 78 -13.98 20.98 12.61
CA LYS B 78 -14.02 20.95 14.10
C LYS B 78 -12.63 21.30 14.67
N LEU B 79 -11.56 20.97 13.94
CA LEU B 79 -10.18 20.89 14.49
C LEU B 79 -9.51 22.28 14.39
N ASP B 80 -8.82 22.67 15.45
CA ASP B 80 -8.04 23.92 15.55
C ASP B 80 -6.92 23.68 16.57
N HIS B 81 -5.73 23.29 16.10
CA HIS B 81 -4.59 22.85 16.94
C HIS B 81 -3.28 23.06 16.17
N CYS B 82 -2.22 23.43 16.89
CA CYS B 82 -0.93 23.89 16.34
C CYS B 82 -0.21 22.72 15.65
N ASN B 83 -0.58 21.48 15.96
CA ASN B 83 0.03 20.25 15.37
C ASN B 83 -0.96 19.49 14.48
N ILE B 84 -1.97 20.16 13.96
CA ILE B 84 -2.83 19.63 12.87
C ILE B 84 -2.88 20.67 11.76
N VAL B 85 -2.67 20.26 10.51
CA VAL B 85 -2.71 21.17 9.33
C VAL B 85 -4.09 21.83 9.30
N ARG B 86 -4.12 23.16 9.17
CA ARG B 86 -5.34 23.99 9.23
C ARG B 86 -6.09 23.89 7.90
N LEU B 87 -7.36 23.57 7.95
CA LEU B 87 -8.31 23.85 6.86
C LEU B 87 -8.53 25.35 6.79
N ARG B 88 -7.99 26.01 5.75
CA ARG B 88 -8.15 27.46 5.49
C ARG B 88 -9.52 27.72 4.86
N TYR B 89 -9.86 26.96 3.81
CA TYR B 89 -11.12 27.09 3.04
C TYR B 89 -11.55 25.71 2.51
N PHE B 90 -12.82 25.55 2.15
CA PHE B 90 -13.28 24.50 1.23
C PHE B 90 -14.13 25.13 0.15
N PHE B 91 -14.12 24.54 -1.04
CA PHE B 91 -14.96 24.96 -2.18
C PHE B 91 -15.26 23.74 -3.05
N TYR B 92 -16.22 23.88 -3.96
CA TYR B 92 -16.66 22.83 -4.90
C TYR B 92 -16.31 23.27 -6.32
N SER B 93 -15.96 22.31 -7.17
CA SER B 93 -15.54 22.51 -8.58
C SER B 93 -16.10 21.38 -9.44
N SER B 94 -16.01 21.51 -10.76
CA SER B 94 -16.03 20.38 -11.72
C SER B 94 -14.63 19.77 -11.84
N ASP B 99 -20.00 15.81 -15.29
CA ASP B 99 -21.32 15.82 -14.61
C ASP B 99 -21.18 15.21 -13.21
N GLU B 100 -20.05 15.50 -12.53
CA GLU B 100 -19.74 15.11 -11.13
C GLU B 100 -19.18 16.34 -10.39
N VAL B 101 -19.20 16.33 -9.05
CA VAL B 101 -18.81 17.49 -8.19
C VAL B 101 -17.64 17.09 -7.30
N TYR B 102 -16.69 17.99 -7.11
CA TYR B 102 -15.47 17.79 -6.29
C TYR B 102 -15.48 18.77 -5.13
N LEU B 103 -15.24 18.25 -3.92
CA LEU B 103 -14.83 19.02 -2.74
C LEU B 103 -13.34 19.32 -2.81
N ASN B 104 -12.97 20.58 -2.65
CA ASN B 104 -11.57 21.05 -2.57
C ASN B 104 -11.29 21.55 -1.16
N LEU B 105 -10.37 20.89 -0.45
CA LEU B 105 -9.91 21.31 0.91
C LEU B 105 -8.62 22.12 0.78
N VAL B 106 -8.66 23.41 1.11
CA VAL B 106 -7.47 24.29 1.05
C VAL B 106 -6.82 24.32 2.43
N LEU B 107 -5.59 23.83 2.49
CA LEU B 107 -4.83 23.58 3.74
C LEU B 107 -3.56 24.41 3.72
N ASP B 108 -3.02 24.74 4.89
CA ASP B 108 -1.66 25.31 5.04
C ASP B 108 -0.66 24.37 4.40
N TYR B 109 0.26 24.90 3.59
CA TYR B 109 1.37 24.13 2.98
C TYR B 109 2.50 24.00 4.00
N VAL B 110 3.04 22.79 4.14
CA VAL B 110 4.20 22.48 5.02
C VAL B 110 5.20 21.70 4.20
N PRO B 111 6.48 22.14 4.16
CA PRO B 111 7.35 21.78 3.05
C PRO B 111 8.03 20.41 3.16
N GLU B 112 7.94 19.72 4.32
CA GLU B 112 8.59 18.39 4.51
C GLU B 112 7.63 17.42 5.17
N THR B 113 8.02 16.15 5.21
CA THR B 113 7.37 15.08 6.01
C THR B 113 8.42 14.37 6.82
N VAL B 114 8.03 13.83 7.95
CA VAL B 114 8.90 12.98 8.79
C VAL B 114 9.47 11.87 7.91
N TYR B 115 8.65 11.28 7.04
CA TYR B 115 9.06 10.15 6.19
C TYR B 115 10.28 10.53 5.36
N ARG B 116 10.24 11.69 4.72
CA ARG B 116 11.32 12.14 3.80
C ARG B 116 12.59 12.39 4.59
N VAL B 117 12.46 12.96 5.77
CA VAL B 117 13.59 13.32 6.66
C VAL B 117 14.26 12.01 7.11
N ALA B 118 13.46 11.00 7.45
CA ALA B 118 13.92 9.68 7.91
C ALA B 118 14.65 8.97 6.78
N ARG B 119 14.07 9.02 5.57
CA ARG B 119 14.63 8.36 4.35
C ARG B 119 16.01 8.95 4.04
N HIS B 120 16.16 10.27 4.15
CA HIS B 120 17.46 10.94 3.95
CA HIS B 120 17.47 10.97 3.98
C HIS B 120 18.53 10.27 4.84
N TYR B 121 18.20 10.00 6.10
CA TYR B 121 19.13 9.40 7.09
C TYR B 121 19.33 7.92 6.75
N SER B 122 18.23 7.20 6.55
CA SER B 122 18.21 5.74 6.30
C SER B 122 19.01 5.41 5.04
N ARG B 123 18.80 6.18 3.96
CA ARG B 123 19.48 6.00 2.65
C ARG B 123 20.99 6.13 2.83
N ALA B 124 21.45 6.83 3.88
CA ALA B 124 22.87 7.02 4.24
C ALA B 124 23.26 6.08 5.37
N LYS B 125 22.41 5.10 5.70
CA LYS B 125 22.61 4.12 6.81
C LYS B 125 23.00 4.88 8.09
N GLN B 126 22.30 5.98 8.38
CA GLN B 126 22.40 6.72 9.67
C GLN B 126 21.02 6.76 10.29
N THR B 127 20.93 7.14 11.56
CA THR B 127 19.64 7.44 12.21
C THR B 127 19.56 8.94 12.54
N LEU B 128 18.38 9.48 12.36
CA LEU B 128 17.88 10.71 13.00
C LEU B 128 18.41 10.79 14.44
N PRO B 129 19.14 11.87 14.79
CA PRO B 129 19.37 12.21 16.19
C PRO B 129 18.07 12.19 17.02
N VAL B 130 18.19 11.74 18.26
CA VAL B 130 17.04 11.40 19.15
C VAL B 130 16.22 12.67 19.42
N ILE B 131 16.86 13.84 19.45
CA ILE B 131 16.19 15.13 19.77
C ILE B 131 15.07 15.35 18.75
N TYR B 132 15.34 15.11 17.45
CA TYR B 132 14.33 15.22 16.36
C TYR B 132 13.21 14.22 16.65
N VAL B 133 13.57 13.00 17.03
CA VAL B 133 12.61 11.92 17.34
C VAL B 133 11.69 12.42 18.45
N LYS B 134 12.24 12.93 19.53
CA LYS B 134 11.48 13.45 20.69
C LYS B 134 10.52 14.55 20.22
N LEU B 135 11.02 15.53 19.45
CA LEU B 135 10.20 16.70 18.99
C LEU B 135 9.03 16.19 18.14
N TYR B 136 9.29 15.35 17.15
CA TYR B 136 8.26 14.82 16.23
C TYR B 136 7.24 13.97 17.01
N MET B 137 7.72 13.02 17.81
CA MET B 137 6.85 12.03 18.49
C MET B 137 5.97 12.74 19.50
N TYR B 138 6.48 13.78 20.14
CA TYR B 138 5.79 14.51 21.21
C TYR B 138 4.62 15.27 20.61
N GLN B 139 4.86 15.94 19.49
CA GLN B 139 3.87 16.80 18.81
C GLN B 139 2.78 15.91 18.22
N LEU B 140 3.14 14.72 17.72
CA LEU B 140 2.16 13.74 17.18
C LEU B 140 1.23 13.29 18.33
N PHE B 141 1.78 13.03 19.51
CA PHE B 141 1.00 12.54 20.68
C PHE B 141 0.05 13.66 21.14
N ARG B 142 0.47 14.91 21.00
CA ARG B 142 -0.35 16.11 21.29
C ARG B 142 -1.55 16.17 20.34
N SER B 143 -1.30 16.05 19.04
CA SER B 143 -2.35 16.06 17.99
C SER B 143 -3.36 14.95 18.28
N LEU B 144 -2.88 13.80 18.76
CA LEU B 144 -3.68 12.59 19.02
C LEU B 144 -4.53 12.80 20.28
N ALA B 145 -3.96 13.37 21.33
CA ALA B 145 -4.70 13.75 22.57
C ALA B 145 -5.87 14.65 22.18
N TYR B 146 -5.60 15.61 21.31
CA TYR B 146 -6.57 16.62 20.85
C TYR B 146 -7.74 15.94 20.11
N ILE B 147 -7.47 15.17 19.05
CA ILE B 147 -8.53 14.58 18.19
C ILE B 147 -9.27 13.47 18.98
N HIS B 148 -8.56 12.70 19.82
CA HIS B 148 -9.14 11.59 20.62
C HIS B 148 -10.11 12.15 21.67
N SER B 149 -9.86 13.37 22.14
CA SER B 149 -10.74 14.08 23.12
C SER B 149 -12.11 14.38 22.49
N PHE B 150 -12.21 14.37 21.15
CA PHE B 150 -13.48 14.54 20.39
C PHE B 150 -14.06 13.18 19.97
N GLY B 151 -13.42 12.08 20.38
CA GLY B 151 -13.76 10.72 19.94
C GLY B 151 -13.28 10.46 18.51
N ILE B 152 -12.48 11.36 17.94
CA ILE B 152 -12.02 11.27 16.52
C ILE B 152 -10.74 10.44 16.47
N CYS B 153 -10.75 9.40 15.62
CA CYS B 153 -9.63 8.49 15.37
C CYS B 153 -9.13 8.71 13.95
N HIS B 154 -7.83 8.92 13.78
CA HIS B 154 -7.19 9.25 12.48
C HIS B 154 -7.22 8.01 11.57
N ARG B 155 -6.74 6.88 12.09
CA ARG B 155 -6.80 5.53 11.46
C ARG B 155 -5.80 5.44 10.30
N ASP B 156 -4.83 6.34 10.21
CA ASP B 156 -3.77 6.27 9.15
C ASP B 156 -2.54 7.06 9.61
N ILE B 157 -2.14 6.87 10.86
CA ILE B 157 -0.87 7.42 11.39
C ILE B 157 0.28 6.66 10.74
N LYS B 158 1.12 7.41 10.04
CA LYS B 158 2.28 6.91 9.28
C LYS B 158 3.17 8.11 8.96
N PRO B 159 4.48 7.91 8.72
CA PRO B 159 5.41 9.03 8.66
C PRO B 159 5.03 10.04 7.56
N GLN B 160 4.40 9.58 6.47
CA GLN B 160 4.05 10.41 5.31
C GLN B 160 3.00 11.43 5.70
N ASN B 161 2.20 11.16 6.75
CA ASN B 161 1.10 12.03 7.22
C ASN B 161 1.56 12.88 8.41
N LEU B 162 2.87 12.95 8.63
CA LEU B 162 3.49 13.87 9.61
C LEU B 162 4.29 14.93 8.85
N LEU B 163 3.66 16.06 8.58
CA LEU B 163 4.27 17.22 7.91
C LEU B 163 5.17 17.91 8.93
N LEU B 164 6.27 18.51 8.49
CA LEU B 164 7.11 19.34 9.39
C LEU B 164 7.77 20.47 8.63
N ASP B 165 7.86 21.60 9.32
CA ASP B 165 8.74 22.73 9.00
C ASP B 165 10.12 22.41 9.55
N PRO B 166 11.12 22.12 8.67
CA PRO B 166 12.46 21.76 9.12
C PRO B 166 13.16 22.83 9.97
N ASP B 167 12.74 24.09 9.84
CA ASP B 167 13.39 25.27 10.46
C ASP B 167 12.92 25.45 11.91
N THR B 168 11.64 25.25 12.16
CA THR B 168 10.97 25.47 13.47
C THR B 168 10.77 24.14 14.18
N ALA B 169 10.84 23.04 13.42
CA ALA B 169 10.64 21.64 13.87
C ALA B 169 9.16 21.43 14.23
N VAL B 170 8.28 22.27 13.68
CA VAL B 170 6.83 22.19 13.94
C VAL B 170 6.27 21.04 13.12
N LEU B 171 5.51 20.17 13.75
CA LEU B 171 4.85 19.02 13.10
C LEU B 171 3.37 19.31 12.95
N LYS B 172 2.80 18.98 11.80
CA LYS B 172 1.33 19.00 11.54
C LYS B 172 0.86 17.63 11.05
N LEU B 173 -0.09 17.02 11.75
CA LEU B 173 -0.83 15.82 11.33
C LEU B 173 -1.66 16.17 10.11
N CYS B 174 -1.62 15.36 9.07
CA CYS B 174 -2.42 15.59 7.85
C CYS B 174 -3.10 14.30 7.39
N ASP B 175 -3.92 14.41 6.34
CA ASP B 175 -4.71 13.33 5.71
C ASP B 175 -5.71 12.75 6.73
N PHE B 176 -6.86 13.40 6.87
CA PHE B 176 -7.99 12.92 7.70
C PHE B 176 -9.00 12.18 6.80
N GLY B 177 -8.55 11.59 5.70
CA GLY B 177 -9.36 10.78 4.77
C GLY B 177 -9.77 9.43 5.33
N SER B 178 -9.07 8.93 6.35
CA SER B 178 -9.42 7.64 7.02
C SER B 178 -10.09 7.92 8.36
N ALA B 179 -10.15 9.19 8.76
CA ALA B 179 -10.52 9.59 10.14
C ALA B 179 -12.01 9.30 10.35
N LYS B 180 -12.39 9.02 11.58
CA LYS B 180 -13.79 8.75 11.95
C LYS B 180 -13.98 9.07 13.42
N GLN B 181 -15.15 9.63 13.75
CA GLN B 181 -15.70 9.67 15.12
C GLN B 181 -16.13 8.25 15.51
N LEU B 182 -15.40 7.61 16.43
CA LEU B 182 -15.72 6.24 16.93
C LEU B 182 -16.83 6.36 17.97
N VAL B 183 -17.91 5.61 17.78
CA VAL B 183 -19.08 5.57 18.71
C VAL B 183 -19.21 4.15 19.24
N ARG B 184 -19.22 3.99 20.58
CA ARG B 184 -19.54 2.72 21.27
C ARG B 184 -20.76 2.08 20.58
N GLY B 185 -20.63 0.84 20.12
CA GLY B 185 -21.74 0.04 19.55
C GLY B 185 -21.71 0.00 18.03
N GLU B 186 -21.19 1.03 17.37
CA GLU B 186 -21.31 1.22 15.90
C GLU B 186 -20.07 0.66 15.20
N PRO B 187 -20.21 -0.43 14.40
CA PRO B 187 -19.07 -1.13 13.82
C PRO B 187 -18.20 -0.24 12.91
N ASN B 188 -16.91 -0.52 12.89
CA ASN B 188 -15.90 0.18 12.04
C ASN B 188 -15.24 -0.85 11.13
N VAL B 189 -14.77 -0.43 9.97
CA VAL B 189 -14.09 -1.30 8.96
C VAL B 189 -12.74 -1.75 9.53
N SER B 190 -12.37 -3.01 9.28
CA SER B 190 -11.15 -3.66 9.81
C SER B 190 -9.96 -3.34 8.91
N ILE B 192 -8.02 -1.03 7.39
CA ILE B 192 -7.85 0.39 7.54
C ILE B 192 -6.42 0.61 8.05
N CYS B 193 -5.83 1.76 7.77
CA CYS B 193 -4.46 2.13 8.19
C CYS B 193 -3.47 1.51 7.22
N SER B 194 -2.41 2.23 6.90
CA SER B 194 -1.25 1.71 6.14
C SER B 194 -0.67 0.50 6.87
N ARG B 195 -0.39 -0.56 6.14
CA ARG B 195 -0.16 -1.94 6.66
C ARG B 195 0.84 -1.91 7.82
N TYR B 196 2.01 -1.28 7.63
CA TYR B 196 3.16 -1.34 8.55
C TYR B 196 2.77 -0.81 9.92
N TYR B 197 1.75 0.05 9.97
CA TYR B 197 1.37 0.86 11.14
C TYR B 197 0.07 0.29 11.72
N ARG B 198 -0.45 -0.78 11.09
CA ARG B 198 -1.81 -1.32 11.33
C ARG B 198 -1.77 -2.11 12.65
N ALA B 199 -2.60 -1.74 13.59
CA ALA B 199 -2.71 -2.38 14.91
C ALA B 199 -3.16 -3.84 14.78
N PRO B 200 -2.67 -4.74 15.63
CA PRO B 200 -2.94 -6.16 15.47
C PRO B 200 -4.46 -6.52 15.49
N GLU B 201 -5.26 -5.74 16.21
CA GLU B 201 -6.73 -6.00 16.35
C GLU B 201 -7.41 -5.87 14.98
N LEU B 202 -6.99 -4.89 14.18
CA LEU B 202 -7.49 -4.67 12.81
C LEU B 202 -7.18 -5.90 11.94
N ILE B 203 -5.97 -6.48 12.08
CA ILE B 203 -5.53 -7.68 11.31
C ILE B 203 -6.39 -8.90 11.73
N PHE B 204 -6.81 -8.95 13.00
CA PHE B 204 -7.72 -9.98 13.55
C PHE B 204 -9.17 -9.67 13.17
N GLY B 205 -9.39 -8.58 12.44
CA GLY B 205 -10.66 -8.27 11.77
C GLY B 205 -11.65 -7.62 12.71
N ALA B 206 -11.17 -7.07 13.82
CA ALA B 206 -11.97 -6.30 14.81
C ALA B 206 -12.79 -5.24 14.08
N THR B 207 -14.04 -5.05 14.49
CA THR B 207 -14.91 -3.94 14.02
C THR B 207 -15.33 -3.06 15.20
N ASP B 208 -14.79 -3.33 16.39
CA ASP B 208 -15.18 -2.70 17.68
C ASP B 208 -13.97 -2.02 18.33
N TYR B 209 -12.94 -1.70 17.54
CA TYR B 209 -11.66 -1.10 18.00
C TYR B 209 -11.90 0.34 18.47
N THR B 210 -10.88 0.92 19.10
CA THR B 210 -10.92 2.26 19.72
C THR B 210 -9.80 3.13 19.14
N SER B 211 -9.69 4.35 19.63
CA SER B 211 -8.71 5.37 19.20
C SER B 211 -7.28 4.88 19.50
N SER B 212 -7.13 3.81 20.28
CA SER B 212 -5.83 3.23 20.70
C SER B 212 -5.11 2.58 19.50
N ILE B 213 -5.79 2.33 18.38
CA ILE B 213 -5.12 1.83 17.14
C ILE B 213 -4.10 2.88 16.67
N ASP B 214 -4.35 4.14 17.00
CA ASP B 214 -3.50 5.32 16.62
C ASP B 214 -2.21 5.29 17.46
N VAL B 215 -2.30 4.91 18.72
CA VAL B 215 -1.12 4.81 19.61
C VAL B 215 -0.23 3.68 19.14
N TRP B 216 -0.80 2.57 18.69
CA TRP B 216 -0.01 1.45 18.13
C TRP B 216 0.77 1.99 16.93
N SER B 217 0.12 2.77 16.07
CA SER B 217 0.72 3.34 14.85
C SER B 217 1.87 4.27 15.24
N ALA B 218 1.65 5.14 16.22
CA ALA B 218 2.66 6.08 16.77
C ALA B 218 3.87 5.28 17.30
N GLY B 219 3.62 4.16 17.98
CA GLY B 219 4.66 3.23 18.41
C GLY B 219 5.48 2.73 17.23
N CYS B 220 4.81 2.33 16.16
CA CYS B 220 5.46 1.84 14.91
C CYS B 220 6.31 2.95 14.31
N VAL B 221 5.86 4.20 14.39
CA VAL B 221 6.61 5.40 13.87
C VAL B 221 7.83 5.63 14.75
N LEU B 222 7.67 5.68 16.07
CA LEU B 222 8.82 5.83 17.01
C LEU B 222 9.87 4.76 16.70
N ALA B 223 9.47 3.51 16.63
CA ALA B 223 10.38 2.37 16.45
C ALA B 223 11.13 2.56 15.14
N GLU B 224 10.41 2.94 14.08
CA GLU B 224 10.98 3.15 12.72
C GLU B 224 12.05 4.25 12.78
N LEU B 225 11.83 5.31 13.56
CA LEU B 225 12.75 6.48 13.64
C LEU B 225 14.01 6.07 14.39
N LEU B 226 13.87 5.17 15.39
CA LEU B 226 15.01 4.63 16.18
C LEU B 226 15.81 3.64 15.32
N LEU B 227 15.13 2.80 14.53
CA LEU B 227 15.73 1.66 13.78
C LEU B 227 16.29 2.12 12.43
N GLY B 228 15.66 3.12 11.80
CA GLY B 228 16.03 3.60 10.45
C GLY B 228 15.31 2.82 9.36
N GLN B 229 14.37 1.94 9.75
CA GLN B 229 13.50 1.16 8.84
C GLN B 229 12.25 0.73 9.62
N PRO B 230 11.16 0.39 8.90
CA PRO B 230 9.95 -0.13 9.55
C PRO B 230 10.25 -1.32 10.44
N ILE B 231 9.67 -1.34 11.64
CA ILE B 231 9.87 -2.43 12.64
C ILE B 231 9.08 -3.69 12.20
N PHE B 232 7.92 -3.51 11.56
CA PHE B 232 7.02 -4.62 11.11
C PHE B 232 6.77 -4.54 9.60
N PRO B 233 7.72 -4.97 8.75
CA PRO B 233 7.54 -4.90 7.29
C PRO B 233 6.80 -6.12 6.71
N GLY B 234 5.47 -6.16 6.84
CA GLY B 234 4.61 -7.21 6.27
C GLY B 234 4.50 -7.09 4.76
N ASP B 235 4.47 -8.22 4.04
CA ASP B 235 4.26 -8.26 2.57
C ASP B 235 2.76 -8.27 2.26
N SER B 236 1.92 -8.43 3.29
CA SER B 236 0.46 -8.55 3.18
C SER B 236 -0.18 -8.29 4.55
N GLY B 237 -1.50 -8.17 4.57
CA GLY B 237 -2.29 -7.90 5.79
C GLY B 237 -1.97 -8.86 6.91
N VAL B 238 -1.83 -10.16 6.61
CA VAL B 238 -1.69 -11.21 7.68
C VAL B 238 -0.21 -11.51 7.92
N ASP B 239 0.66 -11.31 6.91
CA ASP B 239 2.13 -11.43 7.08
C ASP B 239 2.61 -10.28 7.99
N GLN B 240 1.89 -9.16 7.98
CA GLN B 240 2.04 -8.06 8.98
C GLN B 240 1.99 -8.62 10.40
N LEU B 241 1.14 -9.62 10.66
CA LEU B 241 0.93 -10.19 12.02
C LEU B 241 2.11 -11.08 12.37
N VAL B 242 2.59 -11.86 11.39
CA VAL B 242 3.83 -12.68 11.53
C VAL B 242 4.94 -11.74 12.00
N GLU B 243 5.18 -10.66 11.26
CA GLU B 243 6.29 -9.71 11.53
C GLU B 243 6.17 -9.21 12.99
N ILE B 244 4.96 -8.82 13.41
CA ILE B 244 4.67 -8.34 14.80
C ILE B 244 5.07 -9.43 15.79
N ILE B 245 4.63 -10.67 15.56
CA ILE B 245 4.84 -11.83 16.47
C ILE B 245 6.33 -12.12 16.59
N LYS B 246 7.07 -11.96 15.49
CA LYS B 246 8.55 -12.17 15.43
C LYS B 246 9.25 -11.25 16.45
N VAL B 247 8.58 -10.20 16.94
CA VAL B 247 9.16 -9.28 17.96
C VAL B 247 8.44 -9.44 19.31
N LEU B 248 7.10 -9.34 19.30
CA LEU B 248 6.27 -9.34 20.53
C LEU B 248 6.05 -10.77 21.03
N GLY B 249 6.35 -11.76 20.19
CA GLY B 249 5.98 -13.17 20.42
C GLY B 249 4.52 -13.43 20.14
N THR B 250 4.08 -14.68 20.24
CA THR B 250 2.67 -15.10 20.05
C THR B 250 1.82 -14.50 21.17
N PRO B 251 0.69 -13.82 20.83
CA PRO B 251 -0.22 -13.33 21.85
C PRO B 251 -0.99 -14.48 22.52
N THR B 252 -1.33 -14.29 23.78
CA THR B 252 -2.11 -15.24 24.61
C THR B 252 -3.56 -15.20 24.13
N ARG B 253 -4.36 -16.21 24.48
CA ARG B 253 -5.82 -16.28 24.19
C ARG B 253 -6.51 -15.05 24.79
N GLU B 254 -6.09 -14.65 26.00
CA GLU B 254 -6.58 -13.44 26.69
C GLU B 254 -6.33 -12.19 25.81
N GLN B 255 -5.11 -12.03 25.29
CA GLN B 255 -4.72 -10.84 24.47
C GLN B 255 -5.55 -10.85 23.18
N ILE B 256 -5.69 -12.02 22.56
CA ILE B 256 -6.46 -12.20 21.29
C ILE B 256 -7.92 -11.79 21.52
N ARG B 257 -8.51 -12.17 22.67
CA ARG B 257 -9.90 -11.81 23.03
C ARG B 257 -9.98 -10.31 23.27
N GLU B 258 -8.94 -9.71 23.87
CA GLU B 258 -8.85 -8.23 24.10
C GLU B 258 -8.83 -7.49 22.76
N MET B 259 -8.32 -8.15 21.70
CA MET B 259 -8.09 -7.54 20.37
C MET B 259 -9.35 -7.70 19.50
N ASN B 260 -9.92 -8.91 19.45
CA ASN B 260 -11.22 -9.19 18.78
C ASN B 260 -11.91 -10.33 19.49
N PRO B 261 -13.03 -10.05 20.20
CA PRO B 261 -13.77 -11.10 20.91
C PRO B 261 -14.57 -12.01 19.97
N ASN B 262 -14.73 -11.61 18.71
CA ASN B 262 -15.31 -12.43 17.62
C ASN B 262 -14.27 -12.59 16.49
N TYR B 263 -13.28 -13.47 16.70
CA TYR B 263 -12.17 -13.72 15.74
C TYR B 263 -12.27 -15.17 15.23
N THR B 264 -11.59 -15.46 14.11
CA THR B 264 -11.49 -16.81 13.50
C THR B 264 -10.03 -17.26 13.51
N GLU B 265 -9.76 -18.50 13.06
CA GLU B 265 -8.47 -19.21 13.28
C GLU B 265 -7.43 -18.67 12.29
N PHE B 266 -6.34 -18.10 12.82
CA PHE B 266 -5.08 -17.81 12.07
C PHE B 266 -4.10 -18.98 12.21
N LYS B 267 -4.26 -19.79 13.28
CA LYS B 267 -3.49 -21.04 13.58
C LYS B 267 -2.01 -20.87 13.20
N PHE B 268 -1.35 -19.80 13.67
CA PHE B 268 0.11 -19.56 13.45
C PHE B 268 0.91 -20.22 14.59
N PRO B 269 2.20 -20.57 14.35
CA PRO B 269 3.00 -21.30 15.33
C PRO B 269 3.41 -20.44 16.54
N GLN B 270 3.61 -21.09 17.69
CA GLN B 270 4.11 -20.49 18.96
C GLN B 270 5.55 -19.97 18.76
N ILE B 271 5.74 -18.65 18.89
CA ILE B 271 7.07 -17.97 18.88
C ILE B 271 7.20 -17.17 20.17
N LYS B 272 8.36 -17.27 20.84
CA LYS B 272 8.68 -16.54 22.10
C LYS B 272 9.01 -15.07 21.75
N ALA B 273 8.71 -14.14 22.65
CA ALA B 273 9.03 -12.70 22.51
C ALA B 273 10.55 -12.53 22.38
N HIS B 274 10.98 -11.55 21.59
CA HIS B 274 12.37 -11.02 21.53
C HIS B 274 12.50 -9.91 22.57
N PRO B 275 13.62 -9.84 23.35
CA PRO B 275 13.80 -8.77 24.33
C PRO B 275 13.84 -7.40 23.64
N TRP B 276 13.06 -6.44 24.14
CA TRP B 276 12.84 -5.11 23.52
C TRP B 276 14.17 -4.43 23.21
N THR B 277 15.11 -4.45 24.16
CA THR B 277 16.40 -3.71 24.12
C THR B 277 17.23 -4.20 22.92
N LYS B 278 17.11 -5.48 22.55
CA LYS B 278 17.96 -6.15 21.52
C LYS B 278 17.34 -6.00 20.12
N VAL B 279 16.14 -5.40 20.02
CA VAL B 279 15.48 -5.02 18.74
C VAL B 279 16.20 -3.80 18.16
N PHE B 280 16.65 -2.89 19.02
CA PHE B 280 17.22 -1.57 18.66
C PHE B 280 18.74 -1.63 18.73
N ARG B 281 19.42 -0.68 18.06
CA ARG B 281 20.91 -0.63 17.98
C ARG B 281 21.45 -0.30 19.37
N PRO B 282 22.72 -0.67 19.68
CA PRO B 282 23.19 -0.76 21.05
C PRO B 282 23.05 0.51 21.91
N ARG B 283 23.24 1.68 21.30
CA ARG B 283 23.33 2.98 22.05
C ARG B 283 21.95 3.66 22.09
N THR B 284 20.91 3.04 21.52
CA THR B 284 19.50 3.52 21.62
C THR B 284 19.17 3.83 23.08
N PRO B 285 18.68 5.05 23.40
CA PRO B 285 18.42 5.43 24.79
C PRO B 285 17.33 4.56 25.40
N PRO B 286 17.53 4.08 26.65
CA PRO B 286 16.61 3.10 27.24
C PRO B 286 15.20 3.67 27.44
N GLU B 287 15.09 4.96 27.76
CA GLU B 287 13.78 5.67 27.88
C GLU B 287 12.99 5.57 26.56
N ALA B 288 13.68 5.57 25.40
CA ALA B 288 13.08 5.43 24.04
C ALA B 288 12.53 4.02 23.86
N ILE B 289 13.34 3.03 24.16
CA ILE B 289 12.98 1.58 24.11
C ILE B 289 11.80 1.33 25.05
N ALA B 290 11.85 1.87 26.27
CA ALA B 290 10.81 1.71 27.31
C ALA B 290 9.47 2.28 26.80
N LEU B 291 9.49 3.47 26.19
CA LEU B 291 8.27 4.11 25.63
C LEU B 291 7.70 3.21 24.53
N CYS B 292 8.55 2.68 23.66
CA CYS B 292 8.16 1.72 22.60
C CYS B 292 7.37 0.55 23.19
N SER B 293 7.89 -0.07 24.25
CA SER B 293 7.30 -1.26 24.91
C SER B 293 5.89 -0.92 25.44
N ARG B 294 5.67 0.31 25.86
CA ARG B 294 4.39 0.77 26.47
C ARG B 294 3.39 1.19 25.38
N LEU B 295 3.85 1.35 24.15
CA LEU B 295 2.98 1.74 23.01
C LEU B 295 2.55 0.48 22.25
N LEU B 296 3.50 -0.43 21.99
CA LEU B 296 3.29 -1.64 21.15
C LEU B 296 2.95 -2.81 22.08
N GLU B 297 1.83 -2.68 22.80
CA GLU B 297 1.18 -3.77 23.58
C GLU B 297 0.04 -4.37 22.75
N TYR B 298 -0.13 -5.70 22.76
CA TYR B 298 -1.21 -6.40 22.03
C TYR B 298 -2.58 -5.93 22.55
N THR B 299 -2.78 -6.06 23.88
CA THR B 299 -4.03 -5.65 24.59
C THR B 299 -4.22 -4.15 24.44
N PRO B 300 -5.20 -3.70 23.61
CA PRO B 300 -5.31 -2.28 23.26
C PRO B 300 -5.38 -1.34 24.47
N THR B 301 -6.01 -1.77 25.56
CA THR B 301 -6.27 -0.95 26.78
C THR B 301 -4.97 -0.81 27.57
N ALA B 302 -3.96 -1.63 27.28
CA ALA B 302 -2.66 -1.66 27.99
C ALA B 302 -1.71 -0.60 27.38
N ARG B 303 -2.04 -0.12 26.18
CA ARG B 303 -1.26 0.94 25.50
C ARG B 303 -1.46 2.26 26.24
N LEU B 304 -0.37 2.96 26.58
CA LEU B 304 -0.38 4.40 27.01
C LEU B 304 -1.39 5.17 26.18
N THR B 305 -2.08 6.16 26.77
CA THR B 305 -2.87 7.21 26.06
C THR B 305 -1.90 8.23 25.47
N PRO B 306 -2.32 9.00 24.44
CA PRO B 306 -1.45 10.04 23.86
C PRO B 306 -0.90 11.00 24.94
N LEU B 307 -1.76 11.41 25.87
CA LEU B 307 -1.39 12.38 26.93
C LEU B 307 -0.35 11.74 27.86
N GLU B 308 -0.56 10.48 28.23
CA GLU B 308 0.40 9.68 29.03
C GLU B 308 1.72 9.57 28.28
N ALA B 309 1.68 9.35 26.96
CA ALA B 309 2.89 9.19 26.12
C ALA B 309 3.70 10.49 26.15
N CYS B 310 3.02 11.64 26.17
CA CYS B 310 3.64 12.99 26.29
C CYS B 310 4.38 13.13 27.62
N ALA B 311 3.90 12.44 28.65
CA ALA B 311 4.40 12.54 30.04
C ALA B 311 5.55 11.55 30.27
N HIS B 312 5.86 10.68 29.30
CA HIS B 312 6.92 9.64 29.44
C HIS B 312 8.29 10.32 29.54
N SER B 313 9.25 9.67 30.22
CA SER B 313 10.59 10.21 30.55
C SER B 313 11.41 10.43 29.26
N PHE B 314 11.04 9.77 28.16
CA PHE B 314 11.68 9.93 26.83
C PHE B 314 11.63 11.41 26.40
N PHE B 315 10.63 12.14 26.86
CA PHE B 315 10.36 13.55 26.46
C PHE B 315 10.86 14.50 27.55
N ASP B 316 11.48 13.96 28.61
CA ASP B 316 11.97 14.75 29.76
C ASP B 316 12.84 15.89 29.23
N GLU B 317 13.68 15.61 28.24
CA GLU B 317 14.69 16.56 27.68
C GLU B 317 13.97 17.80 27.12
N LEU B 318 12.75 17.62 26.59
CA LEU B 318 11.97 18.72 25.96
C LEU B 318 11.49 19.70 27.04
N ARG B 319 11.40 19.24 28.30
CA ARG B 319 10.90 20.04 29.43
C ARG B 319 12.07 20.71 30.18
N ASP B 320 13.29 20.55 29.68
CA ASP B 320 14.49 21.30 30.17
C ASP B 320 14.33 22.76 29.76
N PRO B 321 14.29 23.71 30.72
CA PRO B 321 14.25 25.14 30.40
C PRO B 321 15.33 25.59 29.40
N ASN B 322 16.43 24.85 29.31
CA ASN B 322 17.64 25.21 28.53
C ASN B 322 17.53 24.69 27.08
N VAL B 323 16.61 23.76 26.81
CA VAL B 323 16.53 23.02 25.52
C VAL B 323 16.33 24.02 24.37
N LYS B 324 17.00 23.76 23.24
CA LYS B 324 16.89 24.52 21.97
C LYS B 324 16.96 23.53 20.82
N LEU B 325 16.48 23.93 19.65
CA LEU B 325 16.68 23.15 18.39
C LEU B 325 18.17 23.12 18.07
N PRO B 326 18.65 22.08 17.37
CA PRO B 326 20.05 22.02 16.94
C PRO B 326 20.53 23.24 16.14
N ASN B 327 19.63 23.88 15.37
CA ASN B 327 19.95 25.06 14.51
C ASN B 327 20.05 26.32 15.37
N GLY B 328 19.82 26.18 16.69
CA GLY B 328 20.03 27.25 17.70
C GLY B 328 18.72 27.95 18.09
N ARG B 329 17.71 27.89 17.23
CA ARG B 329 16.39 28.57 17.44
C ARG B 329 15.67 27.91 18.62
N ASP B 330 14.72 28.64 19.22
CA ASP B 330 13.84 28.15 20.32
C ASP B 330 13.08 26.91 19.83
N THR B 331 12.72 26.02 20.76
CA THR B 331 11.74 24.94 20.53
C THR B 331 10.38 25.57 20.24
N PRO B 332 9.57 24.97 19.36
CA PRO B 332 8.23 25.49 19.12
C PRO B 332 7.34 25.36 20.37
N ALA B 333 6.09 25.84 20.29
CA ALA B 333 5.09 25.76 21.37
C ALA B 333 4.88 24.29 21.74
N LEU B 334 5.17 23.93 22.99
CA LEU B 334 5.15 22.52 23.45
C LEU B 334 4.24 22.35 24.67
N PHE B 335 4.02 23.43 25.43
CA PHE B 335 3.48 23.38 26.82
C PHE B 335 2.22 24.24 26.96
N ASN B 336 1.70 24.81 25.86
CA ASN B 336 0.49 25.69 25.86
C ASN B 336 -0.76 24.81 25.75
N PHE B 337 -0.88 23.80 26.62
CA PHE B 337 -2.01 22.84 26.65
C PHE B 337 -3.31 23.60 26.98
N THR B 338 -4.34 23.42 26.15
CA THR B 338 -5.73 23.88 26.42
C THR B 338 -6.38 22.95 27.45
N THR B 339 -7.57 23.29 27.90
CA THR B 339 -8.46 22.44 28.73
C THR B 339 -8.79 21.15 27.97
N GLN B 340 -9.29 21.28 26.75
CA GLN B 340 -9.69 20.16 25.87
C GLN B 340 -8.58 19.11 25.82
N GLU B 341 -7.33 19.55 25.65
CA GLU B 341 -6.13 18.66 25.51
C GLU B 341 -5.97 17.81 26.78
N LEU B 342 -6.19 18.41 27.95
CA LEU B 342 -5.91 17.80 29.28
C LEU B 342 -7.15 17.01 29.77
N SER B 343 -8.24 17.00 29.00
CA SER B 343 -9.59 16.56 29.44
C SER B 343 -9.55 15.07 29.83
N SER B 344 -8.67 14.29 29.22
CA SER B 344 -8.56 12.82 29.44
C SER B 344 -7.97 12.54 30.84
N ASN B 345 -7.15 13.46 31.38
CA ASN B 345 -6.50 13.30 32.72
C ASN B 345 -5.89 14.64 33.16
N PRO B 346 -6.71 15.59 33.65
CA PRO B 346 -6.23 16.93 34.00
C PRO B 346 -4.98 17.00 34.88
N PRO B 347 -4.84 16.15 35.94
CA PRO B 347 -3.68 16.23 36.83
C PRO B 347 -2.31 16.00 36.16
N LEU B 348 -2.27 15.40 34.96
CA LEU B 348 -1.02 15.16 34.19
C LEU B 348 -0.33 16.49 33.86
N ALA B 349 -1.07 17.60 33.94
CA ALA B 349 -0.59 18.99 33.76
C ALA B 349 0.69 19.23 34.58
N THR B 350 0.74 18.77 35.83
CA THR B 350 1.88 18.97 36.77
C THR B 350 3.18 18.50 36.11
N ILE B 351 3.12 17.43 35.31
CA ILE B 351 4.28 16.86 34.59
C ILE B 351 4.45 17.55 33.23
N LEU B 352 3.33 17.79 32.54
CA LEU B 352 3.33 18.20 31.10
C LEU B 352 3.68 19.69 30.99
N ILE B 353 3.52 20.44 32.07
CA ILE B 353 3.87 21.89 32.14
C ILE B 353 4.97 22.08 33.18
N PRO B 354 6.25 22.14 32.75
CA PRO B 354 7.37 22.33 33.67
C PRO B 354 7.29 23.71 34.33
N PRO B 355 8.04 23.95 35.43
CA PRO B 355 7.79 25.10 36.29
C PRO B 355 7.75 26.44 35.53
N HIS B 356 8.81 26.75 34.76
CA HIS B 356 8.98 28.07 34.06
C HIS B 356 9.33 27.85 32.58
#